data_4N01
#
_entry.id   4N01
#
_cell.length_a   107.192
_cell.length_b   46.330
_cell.length_c   108.550
_cell.angle_alpha   90.00
_cell.angle_beta   119.62
_cell.angle_gamma   90.00
#
_symmetry.space_group_name_H-M   'P 1 21 1'
#
loop_
_entity.id
_entity.type
_entity.pdbx_description
1 polymer 'Periplasmic binding protein'
2 non-polymer 'SODIUM ION'
3 non-polymer GLYCEROL
4 non-polymer 'FORMIC ACID'
5 water water
#
_entity_poly.entity_id   1
_entity_poly.type   'polypeptide(L)'
_entity_poly.pdbx_seq_one_letter_code
;SNA(MSE)FQNLRKSKKLLLIA(MSE)TCATFAIAGCGSDTTKTTADNGTSVTWSETFDGTKTDFAVKSAPTHAVS
(MSE)SQATTE(MSE)(MSE)LQLGLDDK(MSE)AGTAFKEEEIYPPLQAAYDKVKVLSDKWPSYEVF(MSE)SVKPDFA
TGWPDSFSKRAIPADK(MSE)ISQKVNIWIPES(MSE)LSTKADLETNFSD(MSE)IKLGEIFGVKPKAEEWVADQRKTL
AAIQNKLKDLPRKRVFIYDSEDGQPFTAFEGYTTNILKLIGADNV(MSE)SGLGVDKTWAKGSWETVIAQNPDYIIIADY
GNSIRNDDDFQQKIEKIKANPQLQDITAVKEGHFIRVKLSEITPGVRTVDALKRLAEEIHGIKVD
;
_entity_poly.pdbx_strand_id   A,B
#
loop_
_chem_comp.id
_chem_comp.type
_chem_comp.name
_chem_comp.formula
FMT non-polymer 'FORMIC ACID' 'C H2 O2'
GOL non-polymer GLYCEROL 'C3 H8 O3'
NA non-polymer 'SODIUM ION' 'Na 1'
#
# COMPACT_ATOMS: atom_id res chain seq x y z
N GLY A 41 12.54 -26.80 9.58
CA GLY A 41 12.14 -28.06 10.17
C GLY A 41 10.65 -28.36 10.03
N THR A 42 9.85 -27.32 9.86
CA THR A 42 8.41 -27.50 9.74
C THR A 42 8.01 -27.73 8.28
N SER A 43 6.81 -28.27 8.06
CA SER A 43 6.31 -28.48 6.72
C SER A 43 5.67 -27.20 6.21
N VAL A 44 5.59 -27.08 4.90
CA VAL A 44 4.80 -26.04 4.27
C VAL A 44 3.52 -26.75 3.85
N THR A 45 2.39 -26.25 4.33
CA THR A 45 1.12 -26.96 4.14
C THR A 45 0.07 -26.08 3.47
N TRP A 46 -0.85 -26.72 2.75
CA TRP A 46 -1.95 -26.00 2.12
C TRP A 46 -3.04 -26.98 1.74
N SER A 47 -4.19 -26.46 1.28
CA SER A 47 -5.32 -27.29 0.86
C SER A 47 -5.84 -26.83 -0.49
N GLU A 48 -6.38 -27.76 -1.27
CA GLU A 48 -7.16 -27.42 -2.46
C GLU A 48 -8.44 -28.26 -2.50
N THR A 49 -9.45 -27.77 -3.21
CA THR A 49 -10.71 -28.49 -3.33
C THR A 49 -11.09 -28.65 -4.79
N PHE A 50 -11.33 -29.90 -5.21
CA PHE A 50 -11.71 -30.20 -6.58
C PHE A 50 -12.94 -31.09 -6.58
N ASP A 51 -14.01 -30.63 -7.23
CA ASP A 51 -15.29 -31.38 -7.28
C ASP A 51 -15.77 -31.72 -5.87
N GLY A 52 -15.69 -30.75 -4.97
CA GLY A 52 -16.19 -30.94 -3.61
C GLY A 52 -15.28 -31.78 -2.73
N THR A 53 -14.21 -32.33 -3.28
CA THR A 53 -13.27 -33.12 -2.49
C THR A 53 -12.10 -32.25 -2.07
N LYS A 54 -11.94 -32.06 -0.76
CA LYS A 54 -10.85 -31.27 -0.22
C LYS A 54 -9.65 -32.14 0.14
N THR A 55 -8.47 -31.79 -0.37
CA THR A 55 -7.25 -32.54 -0.10
C THR A 55 -6.22 -31.67 0.61
N ASP A 56 -5.58 -32.22 1.65
CA ASP A 56 -4.52 -31.51 2.35
C ASP A 56 -3.17 -31.90 1.75
N PHE A 57 -2.31 -30.91 1.54
CA PHE A 57 -0.99 -31.14 0.97
C PHE A 57 0.11 -30.65 1.92
N ALA A 58 1.29 -31.26 1.83
CA ALA A 58 2.44 -30.80 2.61
C ALA A 58 3.74 -31.14 1.89
N VAL A 59 4.75 -30.27 2.03
CA VAL A 59 6.10 -30.59 1.60
C VAL A 59 7.12 -30.20 2.66
N LYS A 60 8.19 -30.97 2.76
CA LYS A 60 9.27 -30.69 3.70
C LYS A 60 10.55 -30.30 2.96
N SER A 61 10.47 -30.34 1.63
CA SER A 61 11.61 -30.01 0.78
C SER A 61 11.06 -29.62 -0.58
N ALA A 62 11.83 -28.83 -1.33
CA ALA A 62 11.33 -28.29 -2.59
C ALA A 62 11.02 -29.41 -3.58
N PRO A 63 9.89 -29.31 -4.29
CA PRO A 63 9.59 -30.25 -5.39
C PRO A 63 10.72 -30.19 -6.42
N THR A 64 11.01 -31.30 -7.09
CA THR A 64 12.13 -31.34 -8.01
C THR A 64 11.66 -31.61 -9.44
N HIS A 65 10.41 -32.02 -9.58
CA HIS A 65 9.82 -32.29 -10.89
C HIS A 65 8.47 -31.59 -11.04
N ALA A 66 8.48 -30.25 -10.97
CA ALA A 66 7.24 -29.48 -10.97
C ALA A 66 6.74 -29.25 -12.40
N VAL A 67 5.42 -29.31 -12.58
CA VAL A 67 4.81 -29.06 -13.87
C VAL A 67 3.87 -27.88 -13.76
N SER A 68 4.04 -26.91 -14.65
CA SER A 68 3.12 -25.79 -14.69
C SER A 68 2.17 -25.95 -15.87
N MSE A 69 0.87 -25.95 -15.59
CA MSE A 69 -0.15 -26.18 -16.62
C MSE A 69 -0.66 -24.88 -17.26
O MSE A 69 -1.49 -24.94 -18.16
CB MSE A 69 -1.35 -26.93 -16.01
CG MSE A 69 -1.02 -28.28 -15.41
SE MSE A 69 -0.70 -29.68 -16.75
CE MSE A 69 -2.57 -30.18 -17.09
N SER A 70 -0.16 -23.74 -16.80
CA SER A 70 -0.65 -22.45 -17.32
C SER A 70 0.50 -21.47 -17.46
N GLN A 71 0.37 -20.51 -18.38
CA GLN A 71 1.46 -19.57 -18.58
C GLN A 71 1.71 -18.69 -17.35
N ALA A 72 0.63 -18.30 -16.68
CA ALA A 72 0.73 -17.42 -15.52
C ALA A 72 1.55 -18.06 -14.40
N THR A 73 1.27 -19.32 -14.07
CA THR A 73 2.06 -19.99 -13.05
C THR A 73 3.46 -20.32 -13.55
N THR A 74 3.62 -20.54 -14.86
CA THR A 74 4.97 -20.71 -15.43
C THR A 74 5.82 -19.47 -15.19
N GLU A 75 5.25 -18.29 -15.43
CA GLU A 75 5.98 -17.06 -15.20
C GLU A 75 6.28 -16.83 -13.73
N MSE A 76 5.32 -17.15 -12.85
CA MSE A 76 5.54 -17.04 -11.42
C MSE A 76 6.72 -17.88 -10.99
O MSE A 76 7.59 -17.42 -10.26
CB MSE A 76 4.28 -17.45 -10.64
CG MSE A 76 3.15 -16.45 -10.82
SE MSE A 76 1.50 -17.10 -10.03
CE MSE A 76 2.06 -17.11 -8.19
N MSE A 77 6.77 -19.11 -11.48
CA MSE A 77 7.85 -20.00 -11.10
C MSE A 77 9.20 -19.54 -11.67
O MSE A 77 10.21 -19.59 -10.97
CB MSE A 77 7.54 -21.45 -11.53
CG MSE A 77 6.40 -22.06 -10.71
SE MSE A 77 6.32 -23.98 -10.98
CE MSE A 77 8.02 -24.47 -10.17
N LEU A 78 9.21 -19.08 -12.92
CA LEU A 78 10.47 -18.61 -13.52
C LEU A 78 10.99 -17.35 -12.81
N GLN A 79 10.07 -16.51 -12.35
CA GLN A 79 10.44 -15.26 -11.69
C GLN A 79 11.20 -15.59 -10.40
N LEU A 80 10.81 -16.68 -9.74
CA LEU A 80 11.46 -17.11 -8.50
C LEU A 80 12.73 -17.91 -8.76
N GLY A 81 13.11 -18.03 -10.03
CA GLY A 81 14.34 -18.71 -10.40
C GLY A 81 14.27 -20.22 -10.32
N LEU A 82 13.08 -20.78 -10.58
CA LEU A 82 12.83 -22.19 -10.31
C LEU A 82 12.98 -23.14 -11.50
N ASP A 83 13.61 -22.72 -12.60
CA ASP A 83 13.66 -23.58 -13.78
C ASP A 83 14.32 -24.95 -13.52
N ASP A 84 15.29 -25.00 -12.61
CA ASP A 84 15.95 -26.27 -12.29
C ASP A 84 15.02 -27.27 -11.61
N LYS A 85 13.94 -26.78 -11.01
CA LYS A 85 12.99 -27.64 -10.32
C LYS A 85 11.79 -28.02 -11.20
N MSE A 86 11.81 -27.59 -12.46
CA MSE A 86 10.64 -27.72 -13.33
C MSE A 86 10.79 -28.84 -14.36
O MSE A 86 11.75 -28.89 -15.13
CB MSE A 86 10.33 -26.38 -14.01
CG MSE A 86 10.02 -25.32 -12.97
SE MSE A 86 9.88 -23.52 -13.67
CE MSE A 86 8.30 -23.81 -14.77
N ALA A 87 9.82 -29.76 -14.36
CA ALA A 87 9.86 -30.89 -15.29
C ALA A 87 9.08 -30.60 -16.57
N GLY A 88 8.27 -29.56 -16.56
CA GLY A 88 7.53 -29.25 -17.77
C GLY A 88 6.63 -28.04 -17.64
N THR A 89 6.32 -27.42 -18.77
CA THR A 89 5.32 -26.35 -18.81
C THR A 89 4.29 -26.66 -19.89
N ALA A 90 3.15 -25.98 -19.82
CA ALA A 90 2.08 -26.23 -20.79
C ALA A 90 1.26 -24.98 -21.06
N PHE A 91 0.53 -25.02 -22.16
CA PHE A 91 -0.46 -24.01 -22.49
C PHE A 91 0.08 -22.57 -22.50
N LYS A 92 1.16 -22.34 -23.23
CA LYS A 92 1.63 -20.99 -23.47
C LYS A 92 0.55 -20.24 -24.26
N GLU A 93 0.19 -19.03 -23.82
CA GLU A 93 -0.89 -18.26 -24.47
C GLU A 93 -0.39 -17.07 -25.29
N GLU A 94 0.77 -16.54 -24.91
CA GLU A 94 1.29 -15.33 -25.55
C GLU A 94 2.79 -15.31 -25.32
N GLU A 95 3.49 -14.33 -25.89
N GLU A 95 3.48 -14.33 -25.91
CA GLU A 95 4.94 -14.21 -25.72
CA GLU A 95 4.92 -14.19 -25.71
C GLU A 95 5.30 -14.20 -24.24
C GLU A 95 5.26 -14.23 -24.22
N ILE A 96 6.31 -14.99 -23.87
CA ILE A 96 6.77 -15.05 -22.49
C ILE A 96 7.29 -13.67 -22.10
N TYR A 97 7.00 -13.24 -20.88
CA TYR A 97 7.52 -11.98 -20.35
C TYR A 97 9.03 -11.94 -20.60
N PRO A 98 9.51 -10.94 -21.35
CA PRO A 98 10.89 -10.96 -21.88
C PRO A 98 12.01 -11.24 -20.85
N PRO A 99 11.93 -10.69 -19.63
CA PRO A 99 12.99 -11.05 -18.67
C PRO A 99 13.06 -12.55 -18.34
N LEU A 100 12.00 -13.29 -18.67
CA LEU A 100 11.92 -14.71 -18.26
C LEU A 100 12.13 -15.67 -19.42
N GLN A 101 12.33 -15.14 -20.62
CA GLN A 101 12.44 -15.96 -21.83
C GLN A 101 13.61 -16.94 -21.77
N ALA A 102 14.77 -16.46 -21.35
CA ALA A 102 15.94 -17.32 -21.25
C ALA A 102 15.76 -18.46 -20.25
N ALA A 103 15.10 -18.19 -19.12
CA ALA A 103 14.80 -19.26 -18.17
C ALA A 103 13.73 -20.22 -18.74
N TYR A 104 12.73 -19.66 -19.41
CA TYR A 104 11.68 -20.46 -20.05
C TYR A 104 12.28 -21.49 -21.00
N ASP A 105 13.31 -21.08 -21.74
CA ASP A 105 13.95 -21.93 -22.75
C ASP A 105 14.65 -23.14 -22.13
N LYS A 106 14.76 -23.18 -20.81
CA LYS A 106 15.48 -24.28 -20.16
C LYS A 106 14.53 -25.40 -19.75
N VAL A 107 13.23 -25.13 -19.79
CA VAL A 107 12.22 -26.07 -19.31
C VAL A 107 11.48 -26.75 -20.45
N LYS A 108 11.33 -28.07 -20.33
CA LYS A 108 10.62 -28.87 -21.33
C LYS A 108 9.16 -28.40 -21.50
N VAL A 109 8.74 -28.22 -22.75
CA VAL A 109 7.36 -27.89 -23.07
C VAL A 109 6.58 -29.18 -23.34
N LEU A 110 5.56 -29.44 -22.53
CA LEU A 110 4.83 -30.72 -22.62
C LEU A 110 3.79 -30.70 -23.72
N SER A 111 3.22 -29.53 -23.96
CA SER A 111 2.14 -29.37 -24.92
C SER A 111 1.89 -27.89 -25.17
N ASP A 112 1.41 -27.58 -26.37
CA ASP A 112 1.04 -26.21 -26.70
C ASP A 112 -0.26 -25.85 -25.99
N LYS A 113 -1.05 -26.87 -25.66
CA LYS A 113 -2.20 -26.71 -24.78
C LYS A 113 -1.99 -27.50 -23.51
N TRP A 114 -2.95 -28.32 -23.10
CA TRP A 114 -2.73 -29.21 -21.96
C TRP A 114 -2.30 -30.59 -22.43
N PRO A 115 -1.32 -31.19 -21.73
CA PRO A 115 -0.86 -32.52 -22.12
C PRO A 115 -1.84 -33.62 -21.69
N SER A 116 -1.80 -34.75 -22.37
CA SER A 116 -2.57 -35.92 -21.95
C SER A 116 -2.01 -36.40 -20.62
N TYR A 117 -2.79 -37.21 -19.90
CA TYR A 117 -2.33 -37.77 -18.63
C TYR A 117 -1.02 -38.53 -18.82
N GLU A 118 -0.92 -39.25 -19.93
CA GLU A 118 0.27 -40.05 -20.24
C GLU A 118 1.54 -39.21 -20.42
N VAL A 119 1.42 -38.12 -21.17
CA VAL A 119 2.53 -37.19 -21.36
C VAL A 119 2.90 -36.49 -20.05
N PHE A 120 1.87 -36.13 -19.29
CA PHE A 120 2.07 -35.53 -17.98
C PHE A 120 2.88 -36.48 -17.09
N MSE A 121 2.42 -37.72 -16.98
CA MSE A 121 3.08 -38.70 -16.11
C MSE A 121 4.47 -39.08 -16.59
O MSE A 121 5.30 -39.55 -15.80
CB MSE A 121 2.24 -39.97 -15.95
CG MSE A 121 0.99 -39.82 -15.08
SE MSE A 121 1.35 -38.96 -13.36
CE MSE A 121 2.67 -40.22 -12.65
N SER A 122 4.75 -38.86 -17.88
CA SER A 122 6.02 -39.29 -18.47
C SER A 122 7.23 -38.54 -17.90
N VAL A 123 7.00 -37.37 -17.31
CA VAL A 123 8.11 -36.61 -16.74
C VAL A 123 8.23 -36.80 -15.23
N LYS A 124 7.52 -37.79 -14.71
CA LYS A 124 7.53 -38.12 -13.29
C LYS A 124 7.27 -36.92 -12.40
N PRO A 125 6.14 -36.22 -12.60
CA PRO A 125 5.88 -34.99 -11.84
C PRO A 125 5.64 -35.28 -10.36
N ASP A 126 5.98 -34.33 -9.50
CA ASP A 126 5.70 -34.47 -8.07
C ASP A 126 4.91 -33.27 -7.56
N PHE A 127 4.74 -32.28 -8.43
CA PHE A 127 4.05 -31.04 -8.08
C PHE A 127 3.45 -30.46 -9.35
N ALA A 128 2.22 -29.95 -9.27
CA ALA A 128 1.59 -29.34 -10.44
C ALA A 128 0.89 -28.09 -10.01
N THR A 129 0.91 -27.06 -10.87
CA THR A 129 0.21 -25.81 -10.57
C THR A 129 -0.35 -25.23 -11.86
N GLY A 130 -1.34 -24.33 -11.74
CA GLY A 130 -2.00 -23.76 -12.91
C GLY A 130 -3.33 -23.16 -12.54
N TRP A 131 -4.04 -22.61 -13.53
CA TRP A 131 -5.43 -22.20 -13.33
C TRP A 131 -6.24 -23.44 -12.97
N PRO A 132 -7.31 -23.27 -12.19
CA PRO A 132 -8.19 -24.36 -11.76
C PRO A 132 -8.67 -25.27 -12.88
N ASP A 133 -8.99 -24.72 -14.05
CA ASP A 133 -9.47 -25.54 -15.17
C ASP A 133 -8.46 -26.59 -15.64
N SER A 134 -7.17 -26.35 -15.37
CA SER A 134 -6.10 -27.30 -15.70
C SER A 134 -6.30 -28.64 -15.01
N PHE A 135 -7.09 -28.65 -13.95
CA PHE A 135 -7.24 -29.85 -13.13
C PHE A 135 -8.67 -30.37 -13.20
N SER A 136 -9.38 -29.92 -14.23
CA SER A 136 -10.76 -30.34 -14.48
C SER A 136 -10.79 -31.48 -15.50
N LYS A 137 -12.00 -31.91 -15.87
CA LYS A 137 -12.15 -32.98 -16.84
C LYS A 137 -11.82 -32.55 -18.27
N ARG A 138 -11.68 -31.23 -18.46
CA ARG A 138 -11.26 -30.69 -19.75
C ARG A 138 -9.77 -30.92 -19.97
N ALA A 139 -9.06 -31.25 -18.90
CA ALA A 139 -7.62 -31.45 -18.96
C ALA A 139 -7.24 -32.74 -18.24
N ILE A 140 -6.59 -32.62 -17.09
CA ILE A 140 -6.30 -33.80 -16.28
C ILE A 140 -6.90 -33.66 -14.89
N PRO A 141 -7.96 -34.43 -14.61
CA PRO A 141 -8.67 -34.35 -13.33
C PRO A 141 -7.71 -34.50 -12.15
N ALA A 142 -7.88 -33.63 -11.16
CA ALA A 142 -7.00 -33.58 -10.00
C ALA A 142 -6.89 -34.92 -9.28
N ASP A 143 -8.01 -35.63 -9.16
CA ASP A 143 -8.03 -36.90 -8.44
C ASP A 143 -7.07 -37.92 -9.05
N LYS A 144 -6.85 -37.85 -10.36
CA LYS A 144 -5.92 -38.76 -11.01
C LYS A 144 -4.49 -38.44 -10.62
N MSE A 145 -4.15 -37.16 -10.59
CA MSE A 145 -2.83 -36.72 -10.16
C MSE A 145 -2.61 -37.07 -8.69
O MSE A 145 -1.54 -37.56 -8.30
CB MSE A 145 -2.70 -35.20 -10.31
CG MSE A 145 -2.78 -34.71 -11.72
SE MSE A 145 -2.28 -32.85 -11.71
CE MSE A 145 -2.54 -32.47 -13.62
N ILE A 146 -3.61 -36.79 -7.87
CA ILE A 146 -3.52 -37.09 -6.44
C ILE A 146 -3.34 -38.58 -6.19
N SER A 147 -3.97 -39.43 -7.01
CA SER A 147 -3.72 -40.88 -6.96
C SER A 147 -2.26 -41.23 -7.10
N GLN A 148 -1.53 -40.44 -7.88
CA GLN A 148 -0.13 -40.70 -8.18
C GLN A 148 0.78 -39.86 -7.31
N LYS A 149 0.25 -39.36 -6.19
CA LYS A 149 1.03 -38.63 -5.19
C LYS A 149 1.55 -37.26 -5.64
N VAL A 150 0.98 -36.72 -6.71
CA VAL A 150 1.33 -35.37 -7.13
C VAL A 150 0.68 -34.35 -6.19
N ASN A 151 1.47 -33.39 -5.71
CA ASN A 151 0.94 -32.27 -4.94
C ASN A 151 0.45 -31.16 -5.87
N ILE A 152 -0.77 -30.68 -5.66
CA ILE A 152 -1.33 -29.64 -6.51
C ILE A 152 -1.49 -28.36 -5.72
N TRP A 153 -1.02 -27.25 -6.29
CA TRP A 153 -1.14 -25.94 -5.64
C TRP A 153 -1.67 -24.94 -6.63
N ILE A 154 -2.64 -24.14 -6.21
CA ILE A 154 -3.21 -23.12 -7.09
C ILE A 154 -3.16 -21.76 -6.38
N PRO A 155 -2.61 -20.74 -7.06
CA PRO A 155 -2.60 -19.40 -6.47
C PRO A 155 -4.00 -18.98 -6.01
N GLU A 156 -4.10 -18.47 -4.78
CA GLU A 156 -5.37 -17.96 -4.30
C GLU A 156 -5.92 -16.85 -5.18
N SER A 157 -5.02 -16.15 -5.88
CA SER A 157 -5.44 -15.01 -6.70
C SER A 157 -6.26 -15.48 -7.90
N MSE A 158 -6.19 -16.78 -8.15
CA MSE A 158 -6.92 -17.39 -9.27
C MSE A 158 -8.16 -18.14 -8.83
O MSE A 158 -8.82 -18.78 -9.65
CB MSE A 158 -5.99 -18.36 -10.01
CG MSE A 158 -4.74 -17.70 -10.57
SE MSE A 158 -3.61 -19.06 -11.39
CE MSE A 158 -2.21 -17.81 -11.84
N LEU A 159 -8.51 -18.06 -7.54
CA LEU A 159 -9.58 -18.89 -6.98
C LEU A 159 -10.91 -18.19 -6.72
N SER A 160 -10.90 -16.85 -6.67
CA SER A 160 -12.15 -16.15 -6.34
C SER A 160 -12.14 -14.70 -6.73
N THR A 161 -13.32 -14.07 -6.66
CA THR A 161 -13.46 -12.66 -6.98
C THR A 161 -13.01 -11.75 -5.86
N LYS A 162 -12.52 -12.33 -4.75
CA LYS A 162 -11.92 -11.54 -3.69
C LYS A 162 -10.48 -11.14 -4.03
N ALA A 163 -9.89 -11.78 -5.04
CA ALA A 163 -8.47 -11.61 -5.34
C ALA A 163 -8.07 -10.18 -5.63
N ASP A 164 -6.95 -9.74 -5.07
CA ASP A 164 -6.37 -8.45 -5.45
C ASP A 164 -4.85 -8.56 -5.54
N LEU A 165 -4.16 -7.44 -5.65
CA LEU A 165 -2.70 -7.47 -5.82
C LEU A 165 -2.02 -8.08 -4.60
N GLU A 166 -2.52 -7.78 -3.40
CA GLU A 166 -1.97 -8.37 -2.18
C GLU A 166 -2.10 -9.90 -2.16
N THR A 167 -3.21 -10.42 -2.71
CA THR A 167 -3.37 -11.86 -2.83
C THR A 167 -2.27 -12.47 -3.70
N ASN A 168 -1.97 -11.81 -4.81
CA ASN A 168 -0.90 -12.21 -5.73
C ASN A 168 0.47 -12.18 -5.03
N PHE A 169 0.69 -11.16 -4.20
CA PHE A 169 1.94 -11.07 -3.44
C PHE A 169 2.05 -12.25 -2.48
N SER A 170 0.96 -12.55 -1.77
N SER A 170 0.98 -12.57 -1.76
CA SER A 170 0.95 -13.65 -0.82
CA SER A 170 1.05 -13.68 -0.80
C SER A 170 1.18 -14.99 -1.52
C SER A 170 1.15 -15.04 -1.50
N ASP A 171 0.60 -15.15 -2.71
CA ASP A 171 0.78 -16.36 -3.51
C ASP A 171 2.25 -16.55 -3.90
N MSE A 172 2.91 -15.45 -4.28
CA MSE A 172 4.32 -15.53 -4.63
C MSE A 172 5.15 -15.95 -3.42
O MSE A 172 6.07 -16.75 -3.54
CB MSE A 172 4.83 -14.20 -5.19
CG MSE A 172 4.40 -13.97 -6.65
SE MSE A 172 5.36 -15.18 -7.87
CE MSE A 172 6.96 -14.11 -8.15
N ILE A 173 4.79 -15.41 -2.25
N ILE A 173 4.80 -15.43 -2.24
CA ILE A 173 5.50 -15.79 -1.02
CA ILE A 173 5.53 -15.80 -1.04
C ILE A 173 5.30 -17.27 -0.70
C ILE A 173 5.30 -17.27 -0.67
N LYS A 174 4.05 -17.73 -0.82
CA LYS A 174 3.72 -19.13 -0.57
C LYS A 174 4.46 -20.06 -1.54
N LEU A 175 4.45 -19.70 -2.81
CA LEU A 175 5.18 -20.48 -3.82
C LEU A 175 6.64 -20.54 -3.45
N GLY A 176 7.19 -19.38 -3.05
CA GLY A 176 8.55 -19.31 -2.55
C GLY A 176 8.79 -20.24 -1.39
N GLU A 177 7.88 -20.25 -0.40
CA GLU A 177 8.03 -21.14 0.74
C GLU A 177 8.03 -22.61 0.31
N ILE A 178 7.12 -22.97 -0.58
CA ILE A 178 7.03 -24.36 -1.06
C ILE A 178 8.36 -24.81 -1.68
N PHE A 179 9.04 -23.88 -2.36
CA PHE A 179 10.25 -24.24 -3.08
C PHE A 179 11.54 -23.87 -2.35
N GLY A 180 11.42 -23.53 -1.06
CA GLY A 180 12.58 -23.20 -0.26
C GLY A 180 13.32 -21.96 -0.69
N VAL A 181 12.62 -21.03 -1.34
CA VAL A 181 13.21 -19.76 -1.76
C VAL A 181 12.39 -18.56 -1.28
N LYS A 182 11.90 -18.62 -0.05
CA LYS A 182 11.12 -17.51 0.50
C LYS A 182 11.79 -16.13 0.40
N PRO A 183 13.11 -16.02 0.69
CA PRO A 183 13.73 -14.70 0.58
C PRO A 183 13.69 -14.11 -0.83
N LYS A 184 13.86 -14.97 -1.84
CA LYS A 184 13.73 -14.54 -3.23
C LYS A 184 12.34 -13.96 -3.50
N ALA A 185 11.30 -14.62 -3.00
CA ALA A 185 9.94 -14.14 -3.20
C ALA A 185 9.72 -12.83 -2.44
N GLU A 186 10.28 -12.72 -1.24
CA GLU A 186 10.11 -11.52 -0.44
C GLU A 186 10.82 -10.35 -1.12
N GLU A 187 11.95 -10.66 -1.72
N GLU A 187 11.97 -10.64 -1.72
CA GLU A 187 12.73 -9.67 -2.46
CA GLU A 187 12.70 -9.61 -2.45
C GLU A 187 11.92 -9.12 -3.64
C GLU A 187 11.89 -9.10 -3.62
N TRP A 188 11.19 -10.00 -4.32
CA TRP A 188 10.34 -9.61 -5.45
C TRP A 188 9.16 -8.76 -4.99
N VAL A 189 8.46 -9.23 -3.97
CA VAL A 189 7.34 -8.46 -3.43
C VAL A 189 7.82 -7.08 -2.97
N ALA A 190 8.95 -7.03 -2.28
CA ALA A 190 9.46 -5.74 -1.79
C ALA A 190 9.67 -4.76 -2.95
N ASP A 191 10.26 -5.25 -4.03
CA ASP A 191 10.51 -4.41 -5.19
C ASP A 191 9.19 -3.95 -5.83
N GLN A 192 8.21 -4.84 -5.90
CA GLN A 192 6.92 -4.49 -6.47
C GLN A 192 6.27 -3.39 -5.65
N ARG A 193 6.39 -3.47 -4.33
CA ARG A 193 5.77 -2.47 -3.46
C ARG A 193 6.40 -1.11 -3.64
N LYS A 194 7.72 -1.09 -3.80
CA LYS A 194 8.47 0.14 -3.95
C LYS A 194 8.06 0.83 -5.23
N THR A 195 8.00 0.07 -6.32
CA THR A 195 7.55 0.61 -7.61
C THR A 195 6.10 1.09 -7.55
N LEU A 196 5.23 0.32 -6.92
CA LEU A 196 3.81 0.69 -6.82
C LEU A 196 3.66 2.00 -6.06
N ALA A 197 4.44 2.16 -5.00
CA ALA A 197 4.40 3.40 -4.22
C ALA A 197 4.85 4.59 -5.06
N ALA A 198 5.83 4.38 -5.93
CA ALA A 198 6.30 5.45 -6.79
C ALA A 198 5.21 5.88 -7.77
N ILE A 199 4.48 4.92 -8.31
CA ILE A 199 3.36 5.24 -9.20
C ILE A 199 2.28 6.01 -8.44
N GLN A 200 1.89 5.50 -7.29
CA GLN A 200 0.79 6.09 -6.54
C GLN A 200 1.12 7.51 -6.04
N ASN A 201 2.38 7.75 -5.71
CA ASN A 201 2.80 9.10 -5.32
C ASN A 201 2.63 10.13 -6.42
N LYS A 202 2.89 9.72 -7.67
CA LYS A 202 2.65 10.58 -8.82
C LYS A 202 1.15 10.83 -9.08
N LEU A 203 0.31 9.93 -8.59
CA LEU A 203 -1.13 10.01 -8.88
C LEU A 203 -1.91 10.73 -7.79
N LYS A 204 -1.24 11.04 -6.69
CA LYS A 204 -1.90 11.73 -5.59
C LYS A 204 -2.56 13.01 -6.09
N ASP A 205 -3.85 13.17 -5.80
CA ASP A 205 -4.59 14.40 -6.12
C ASP A 205 -4.85 14.62 -7.62
N LEU A 206 -4.63 13.59 -8.43
CA LEU A 206 -5.15 13.59 -9.80
C LEU A 206 -6.53 12.92 -9.80
N PRO A 207 -7.44 13.39 -10.64
CA PRO A 207 -8.80 12.81 -10.68
C PRO A 207 -8.82 11.35 -11.10
N ARG A 208 -9.74 10.57 -10.54
CA ARG A 208 -9.87 9.17 -10.93
C ARG A 208 -10.57 9.11 -12.29
N LYS A 209 -10.36 8.02 -13.01
CA LYS A 209 -10.96 7.87 -14.33
C LYS A 209 -11.79 6.60 -14.41
N ARG A 210 -12.85 6.63 -15.21
CA ARG A 210 -13.70 5.44 -15.37
C ARG A 210 -13.28 4.67 -16.61
N VAL A 211 -13.14 3.36 -16.48
CA VAL A 211 -12.62 2.53 -17.58
C VAL A 211 -13.52 1.33 -17.90
N PHE A 212 -13.43 0.85 -19.12
CA PHE A 212 -14.17 -0.34 -19.53
C PHE A 212 -13.16 -1.29 -20.15
N ILE A 213 -13.17 -2.54 -19.72
CA ILE A 213 -12.27 -3.53 -20.30
C ILE A 213 -12.98 -4.31 -21.40
N TYR A 214 -12.41 -4.26 -22.60
CA TYR A 214 -13.00 -4.92 -23.77
C TYR A 214 -12.12 -6.09 -24.13
N ASP A 215 -12.57 -7.31 -23.82
CA ASP A 215 -11.79 -8.49 -24.16
C ASP A 215 -12.04 -8.88 -25.60
N SER A 216 -13.32 -8.92 -25.97
CA SER A 216 -13.75 -9.35 -27.27
C SER A 216 -15.25 -9.10 -27.36
N GLU A 217 -15.83 -9.38 -28.52
CA GLU A 217 -17.28 -9.30 -28.63
C GLU A 217 -17.82 -10.39 -29.52
N ASP A 218 -19.05 -10.80 -29.25
CA ASP A 218 -19.77 -11.75 -30.11
C ASP A 218 -21.21 -11.30 -30.00
N GLY A 219 -21.53 -10.19 -30.67
N GLY A 219 -21.54 -10.21 -30.68
CA GLY A 219 -22.80 -9.52 -30.47
CA GLY A 219 -22.82 -9.56 -30.51
C GLY A 219 -22.71 -8.60 -29.27
C GLY A 219 -22.74 -8.58 -29.36
N GLN A 220 -22.56 -9.19 -28.08
N GLN A 220 -22.56 -9.09 -28.15
CA GLN A 220 -22.36 -8.44 -26.84
CA GLN A 220 -22.37 -8.26 -26.98
C GLN A 220 -20.86 -8.40 -26.50
C GLN A 220 -20.94 -8.40 -26.45
N PRO A 221 -20.44 -7.37 -25.75
CA PRO A 221 -19.03 -7.38 -25.34
C PRO A 221 -18.78 -8.36 -24.19
N PHE A 222 -17.59 -8.97 -24.17
CA PHE A 222 -17.15 -9.81 -23.07
C PHE A 222 -16.20 -8.95 -22.26
N THR A 223 -16.44 -8.87 -20.95
CA THR A 223 -15.76 -7.87 -20.14
C THR A 223 -15.48 -8.34 -18.71
N ALA A 224 -14.71 -7.55 -17.96
CA ALA A 224 -14.40 -7.91 -16.58
C ALA A 224 -15.34 -7.21 -15.62
N PHE A 225 -15.77 -7.93 -14.58
CA PHE A 225 -16.71 -7.36 -13.60
C PHE A 225 -16.05 -7.18 -12.24
N GLU A 226 -15.86 -8.28 -11.53
CA GLU A 226 -15.31 -8.19 -10.17
C GLU A 226 -14.01 -8.96 -10.08
N GLY A 227 -13.26 -8.76 -9.00
CA GLY A 227 -12.07 -9.55 -8.78
C GLY A 227 -10.78 -8.89 -9.21
N TYR A 228 -9.80 -9.71 -9.55
CA TYR A 228 -8.44 -9.24 -9.70
C TYR A 228 -8.27 -8.02 -10.62
N THR A 229 -8.81 -8.09 -11.84
CA THR A 229 -8.58 -7.02 -12.81
C THR A 229 -9.15 -5.71 -12.28
N THR A 230 -10.34 -5.77 -11.70
CA THR A 230 -10.96 -4.58 -11.13
C THR A 230 -10.13 -4.03 -9.98
N ASN A 231 -9.68 -4.92 -9.09
CA ASN A 231 -8.96 -4.48 -7.91
C ASN A 231 -7.58 -3.88 -8.18
N ILE A 232 -6.86 -4.40 -9.16
CA ILE A 232 -5.54 -3.85 -9.46
C ILE A 232 -5.66 -2.49 -10.18
N LEU A 233 -6.67 -2.35 -11.03
CA LEU A 233 -6.90 -1.08 -11.72
C LEU A 233 -7.28 0.04 -10.75
N LYS A 234 -7.98 -0.32 -9.67
CA LYS A 234 -8.32 0.68 -8.66
C LYS A 234 -7.05 1.29 -8.01
N LEU A 235 -5.96 0.54 -8.02
CA LEU A 235 -4.71 1.04 -7.43
C LEU A 235 -4.14 2.28 -8.15
N ILE A 236 -4.51 2.48 -9.42
CA ILE A 236 -4.02 3.63 -10.18
C ILE A 236 -5.14 4.55 -10.59
N GLY A 237 -6.22 4.57 -9.80
CA GLY A 237 -7.31 5.48 -10.04
C GLY A 237 -8.08 5.18 -11.31
N ALA A 238 -8.11 3.91 -11.69
CA ALA A 238 -8.88 3.50 -12.87
C ALA A 238 -10.02 2.61 -12.38
N ASP A 239 -11.24 3.13 -12.45
CA ASP A 239 -12.39 2.42 -11.88
C ASP A 239 -13.23 1.71 -12.93
N ASN A 240 -13.27 0.38 -12.86
CA ASN A 240 -14.01 -0.46 -13.81
C ASN A 240 -15.50 -0.18 -13.77
N VAL A 241 -16.08 0.30 -14.88
CA VAL A 241 -17.49 0.69 -14.87
C VAL A 241 -18.44 -0.50 -14.76
N MSE A 242 -17.91 -1.70 -14.98
CA MSE A 242 -18.76 -2.90 -14.86
C MSE A 242 -18.74 -3.47 -13.44
O MSE A 242 -19.49 -4.40 -13.13
CB MSE A 242 -18.36 -3.98 -15.89
CG MSE A 242 -18.43 -3.49 -17.34
SE MSE A 242 -20.16 -2.69 -17.83
CE MSE A 242 -21.09 -4.35 -18.24
N SER A 243 -17.89 -2.92 -12.58
N SER A 243 -17.89 -2.92 -12.58
CA SER A 243 -17.84 -3.34 -11.17
CA SER A 243 -17.86 -3.36 -11.18
C SER A 243 -18.90 -2.59 -10.35
C SER A 243 -18.90 -2.60 -10.36
N GLY A 244 -19.34 -3.19 -9.24
CA GLY A 244 -20.36 -2.59 -8.41
C GLY A 244 -21.76 -2.71 -9.01
N LEU A 245 -21.92 -3.60 -9.99
CA LEU A 245 -23.24 -3.81 -10.62
C LEU A 245 -23.92 -5.11 -10.16
N GLY A 246 -23.34 -5.77 -9.17
CA GLY A 246 -23.94 -6.97 -8.61
C GLY A 246 -23.62 -8.24 -9.37
N VAL A 247 -22.65 -8.18 -10.27
CA VAL A 247 -22.25 -9.35 -11.03
C VAL A 247 -21.00 -9.97 -10.43
N ASP A 248 -21.16 -11.02 -9.63
CA ASP A 248 -20.02 -11.60 -8.91
C ASP A 248 -19.24 -12.57 -9.78
N LYS A 249 -18.62 -12.06 -10.84
CA LYS A 249 -17.85 -12.90 -11.77
C LYS A 249 -16.61 -12.14 -12.21
N THR A 250 -15.54 -12.86 -12.50
CA THR A 250 -14.36 -12.20 -13.05
C THR A 250 -14.64 -11.69 -14.45
N TRP A 251 -15.24 -12.55 -15.29
CA TRP A 251 -15.49 -12.25 -16.70
C TRP A 251 -16.85 -12.80 -17.15
N ALA A 252 -17.56 -12.03 -17.97
CA ALA A 252 -18.84 -12.49 -18.50
C ALA A 252 -19.26 -11.54 -19.59
N LYS A 253 -20.34 -11.90 -20.28
CA LYS A 253 -20.91 -11.02 -21.28
C LYS A 253 -21.58 -9.83 -20.62
N GLY A 254 -21.39 -8.65 -21.21
CA GLY A 254 -22.08 -7.44 -20.75
C GLY A 254 -23.04 -6.99 -21.84
N SER A 255 -23.76 -5.90 -21.61
N SER A 255 -23.74 -5.89 -21.59
CA SER A 255 -24.55 -5.30 -22.68
CA SER A 255 -24.57 -5.25 -22.60
C SER A 255 -24.06 -3.90 -22.96
C SER A 255 -23.97 -3.90 -22.97
N TRP A 256 -24.00 -3.55 -24.24
CA TRP A 256 -23.52 -2.24 -24.66
C TRP A 256 -24.34 -1.12 -24.00
N GLU A 257 -25.63 -1.38 -23.75
CA GLU A 257 -26.49 -0.40 -23.06
C GLU A 257 -25.87 0.03 -21.74
N THR A 258 -25.30 -0.94 -21.03
CA THR A 258 -24.73 -0.68 -19.73
C THR A 258 -23.46 0.15 -19.88
N VAL A 259 -22.63 -0.21 -20.86
CA VAL A 259 -21.40 0.54 -21.12
C VAL A 259 -21.73 1.98 -21.51
N ILE A 260 -22.71 2.15 -22.39
CA ILE A 260 -23.12 3.47 -22.81
C ILE A 260 -23.61 4.31 -21.62
N ALA A 261 -24.40 3.71 -20.74
CA ALA A 261 -24.91 4.40 -19.55
C ALA A 261 -23.75 4.84 -18.65
N GLN A 262 -22.75 3.98 -18.52
CA GLN A 262 -21.61 4.23 -17.64
C GLN A 262 -20.63 5.24 -18.24
N ASN A 263 -20.62 5.34 -19.56
CA ASN A 263 -19.81 6.33 -20.27
C ASN A 263 -18.35 6.36 -19.82
N PRO A 264 -17.60 5.28 -20.08
CA PRO A 264 -16.22 5.26 -19.61
C PRO A 264 -15.32 6.32 -20.27
N ASP A 265 -14.32 6.79 -19.52
CA ASP A 265 -13.29 7.70 -20.02
C ASP A 265 -12.29 6.98 -20.94
N TYR A 266 -11.97 5.73 -20.61
CA TYR A 266 -11.00 4.94 -21.39
C TYR A 266 -11.55 3.57 -21.65
N ILE A 267 -11.20 3.01 -22.81
CA ILE A 267 -11.51 1.63 -23.10
C ILE A 267 -10.21 0.83 -23.22
N ILE A 268 -10.04 -0.16 -22.35
CA ILE A 268 -8.83 -0.94 -22.33
C ILE A 268 -9.10 -2.22 -23.10
N ILE A 269 -8.29 -2.49 -24.11
CA ILE A 269 -8.58 -3.54 -25.07
C ILE A 269 -7.52 -4.64 -24.98
N ALA A 270 -7.95 -5.87 -24.76
CA ALA A 270 -7.02 -7.00 -24.74
C ALA A 270 -6.59 -7.38 -26.15
N ASP A 271 -5.28 -7.40 -26.38
CA ASP A 271 -4.73 -7.75 -27.69
C ASP A 271 -4.30 -9.24 -27.69
N TYR A 272 -4.93 -10.03 -28.56
CA TYR A 272 -4.64 -11.48 -28.61
C TYR A 272 -3.71 -11.88 -29.76
N GLY A 273 -2.76 -11.00 -30.10
CA GLY A 273 -1.83 -11.27 -31.19
C GLY A 273 -0.60 -12.07 -30.78
N ASN A 274 0.19 -12.47 -31.78
CA ASN A 274 1.37 -13.33 -31.55
C ASN A 274 2.62 -12.58 -31.08
N SER A 275 2.85 -11.40 -31.67
N SER A 275 2.84 -11.39 -31.65
CA SER A 275 4.00 -10.58 -31.32
CA SER A 275 4.00 -10.57 -31.33
C SER A 275 3.54 -9.28 -30.68
C SER A 275 3.58 -9.24 -30.74
N ILE A 276 4.39 -8.70 -29.82
CA ILE A 276 4.09 -7.39 -29.25
C ILE A 276 4.38 -6.31 -30.30
N ARG A 277 5.22 -6.66 -31.26
CA ARG A 277 5.54 -5.77 -32.39
C ARG A 277 4.36 -5.69 -33.35
N ASN A 278 3.28 -6.38 -33.02
CA ASN A 278 2.10 -6.40 -33.87
C ASN A 278 0.86 -6.08 -33.05
N ASP A 279 0.24 -4.93 -33.33
CA ASP A 279 -0.97 -4.58 -32.61
C ASP A 279 -2.18 -4.67 -33.54
N ASP A 280 -2.13 -5.58 -34.52
CA ASP A 280 -3.22 -5.73 -35.47
C ASP A 280 -4.55 -6.07 -34.81
N ASP A 281 -4.53 -6.97 -33.83
CA ASP A 281 -5.75 -7.33 -33.11
C ASP A 281 -6.32 -6.11 -32.37
N PHE A 282 -5.43 -5.32 -31.77
CA PHE A 282 -5.81 -4.12 -31.04
C PHE A 282 -6.48 -3.16 -32.01
N GLN A 283 -5.85 -2.94 -33.15
CA GLN A 283 -6.37 -1.98 -34.12
C GLN A 283 -7.69 -2.42 -34.73
N GLN A 284 -7.83 -3.71 -35.02
CA GLN A 284 -9.09 -4.23 -35.54
C GLN A 284 -10.22 -4.03 -34.53
N LYS A 285 -9.92 -4.23 -33.25
CA LYS A 285 -10.95 -4.05 -32.22
C LYS A 285 -11.31 -2.58 -32.06
N ILE A 286 -10.32 -1.70 -32.20
CA ILE A 286 -10.62 -0.27 -32.21
C ILE A 286 -11.57 0.07 -33.36
N GLU A 287 -11.27 -0.47 -34.54
CA GLU A 287 -12.09 -0.17 -35.71
C GLU A 287 -13.51 -0.74 -35.57
N LYS A 288 -13.61 -1.86 -34.87
CA LYS A 288 -14.91 -2.52 -34.64
C LYS A 288 -15.76 -1.63 -33.72
N ILE A 289 -15.10 -1.00 -32.74
CA ILE A 289 -15.80 -0.13 -31.80
C ILE A 289 -16.22 1.17 -32.50
N LYS A 290 -15.29 1.75 -33.25
CA LYS A 290 -15.56 3.00 -33.97
C LYS A 290 -16.69 2.84 -34.97
N ALA A 291 -16.86 1.64 -35.52
CA ALA A 291 -17.83 1.42 -36.59
C ALA A 291 -19.23 1.14 -36.05
N ASN A 292 -19.35 1.04 -34.73
CA ASN A 292 -20.62 0.76 -34.08
C ASN A 292 -21.34 2.07 -33.74
N PRO A 293 -22.43 2.37 -34.46
CA PRO A 293 -23.12 3.65 -34.30
C PRO A 293 -23.66 3.84 -32.90
N GLN A 294 -23.94 2.74 -32.19
CA GLN A 294 -24.51 2.84 -30.84
C GLN A 294 -23.52 3.43 -29.85
N LEU A 295 -22.22 3.35 -30.15
CA LEU A 295 -21.18 3.69 -29.17
C LEU A 295 -20.54 5.05 -29.41
N GLN A 296 -21.06 5.79 -30.38
N GLN A 296 -21.08 5.79 -30.37
CA GLN A 296 -20.35 6.96 -30.87
CA GLN A 296 -20.36 6.97 -30.89
C GLN A 296 -20.31 8.16 -29.92
C GLN A 296 -20.30 8.16 -29.93
N ASP A 297 -21.19 8.19 -28.95
CA ASP A 297 -21.18 9.29 -27.98
C ASP A 297 -20.53 8.93 -26.64
N ILE A 298 -19.99 7.72 -26.52
CA ILE A 298 -19.21 7.37 -25.35
C ILE A 298 -17.94 8.22 -25.32
N THR A 299 -17.63 8.80 -24.16
CA THR A 299 -16.46 9.68 -24.02
C THR A 299 -15.16 9.07 -24.56
N ALA A 300 -14.84 7.85 -24.12
CA ALA A 300 -13.66 7.15 -24.62
C ALA A 300 -13.62 7.08 -26.15
N VAL A 301 -14.78 6.84 -26.77
CA VAL A 301 -14.81 6.73 -28.22
C VAL A 301 -14.59 8.08 -28.88
N LYS A 302 -15.29 9.11 -28.38
CA LYS A 302 -15.17 10.44 -28.97
C LYS A 302 -13.76 10.98 -28.84
N GLU A 303 -13.10 10.67 -27.72
CA GLU A 303 -11.76 11.21 -27.45
C GLU A 303 -10.63 10.28 -27.91
N GLY A 304 -10.99 9.10 -28.41
CA GLY A 304 -10.00 8.15 -28.91
C GLY A 304 -9.13 7.59 -27.80
N HIS A 305 -9.74 7.39 -26.64
CA HIS A 305 -9.03 6.85 -25.48
C HIS A 305 -9.03 5.33 -25.46
N PHE A 306 -8.26 4.73 -26.37
CA PHE A 306 -8.12 3.28 -26.45
C PHE A 306 -6.75 2.86 -25.93
N ILE A 307 -6.73 1.91 -25.00
CA ILE A 307 -5.50 1.49 -24.34
C ILE A 307 -5.28 -0.01 -24.51
N ARG A 308 -4.08 -0.38 -24.95
CA ARG A 308 -3.75 -1.76 -25.29
C ARG A 308 -3.17 -2.50 -24.10
N VAL A 309 -3.68 -3.69 -23.81
CA VAL A 309 -3.02 -4.55 -22.81
C VAL A 309 -2.96 -5.98 -23.31
N LYS A 310 -2.09 -6.77 -22.71
CA LYS A 310 -2.15 -8.21 -22.84
C LYS A 310 -2.92 -8.72 -21.63
N LEU A 311 -3.66 -9.80 -21.81
CA LEU A 311 -4.44 -10.39 -20.70
C LEU A 311 -3.53 -10.76 -19.54
N SER A 312 -2.30 -11.19 -19.84
N SER A 312 -2.31 -11.18 -19.85
CA SER A 312 -1.33 -11.56 -18.81
CA SER A 312 -1.29 -11.53 -18.86
C SER A 312 -0.97 -10.40 -17.88
C SER A 312 -1.02 -10.40 -17.87
N GLU A 313 -1.18 -9.17 -18.35
CA GLU A 313 -0.84 -7.98 -17.60
C GLU A 313 -1.87 -7.60 -16.57
N ILE A 314 -3.12 -8.01 -16.81
CA ILE A 314 -4.23 -7.63 -15.93
C ILE A 314 -4.85 -8.81 -15.19
N THR A 315 -4.20 -9.97 -15.29
CA THR A 315 -4.60 -11.16 -14.55
C THR A 315 -3.39 -11.59 -13.69
N PRO A 316 -3.62 -12.50 -12.72
CA PRO A 316 -2.53 -12.80 -11.77
C PRO A 316 -1.26 -13.31 -12.46
N GLY A 317 -0.11 -12.94 -11.91
CA GLY A 317 1.17 -13.31 -12.49
C GLY A 317 2.27 -12.44 -11.93
N VAL A 318 3.23 -12.07 -12.78
CA VAL A 318 4.38 -11.30 -12.31
C VAL A 318 4.48 -9.96 -13.03
N ARG A 319 3.47 -9.65 -13.85
CA ARG A 319 3.56 -8.47 -14.70
C ARG A 319 2.77 -7.28 -14.20
N THR A 320 2.03 -7.46 -13.10
CA THR A 320 1.01 -6.47 -12.74
C THR A 320 1.53 -5.06 -12.50
N VAL A 321 2.47 -4.91 -11.58
CA VAL A 321 2.92 -3.57 -11.23
C VAL A 321 3.64 -2.90 -12.41
N ASP A 322 4.37 -3.70 -13.18
CA ASP A 322 5.01 -3.18 -14.40
C ASP A 322 3.98 -2.63 -15.38
N ALA A 323 2.89 -3.36 -15.57
CA ALA A 323 1.81 -2.93 -16.46
C ALA A 323 1.07 -1.72 -15.89
N LEU A 324 0.86 -1.72 -14.57
CA LEU A 324 0.19 -0.60 -13.92
C LEU A 324 0.97 0.71 -14.09
N LYS A 325 2.29 0.60 -14.12
CA LYS A 325 3.14 1.78 -14.37
C LYS A 325 2.79 2.40 -15.73
N ARG A 326 2.77 1.57 -16.76
CA ARG A 326 2.47 2.03 -18.12
C ARG A 326 1.04 2.57 -18.21
N LEU A 327 0.10 1.86 -17.60
CA LEU A 327 -1.31 2.24 -17.69
C LEU A 327 -1.52 3.56 -16.97
N ALA A 328 -0.84 3.75 -15.84
CA ALA A 328 -0.94 5.00 -15.09
C ALA A 328 -0.46 6.17 -15.93
N GLU A 329 0.57 5.93 -16.74
CA GLU A 329 1.13 7.01 -17.54
C GLU A 329 0.16 7.34 -18.66
N GLU A 330 -0.40 6.30 -19.26
CA GLU A 330 -1.30 6.49 -20.39
C GLU A 330 -2.66 7.09 -20.00
N ILE A 331 -3.18 6.70 -18.84
CA ILE A 331 -4.50 7.17 -18.39
C ILE A 331 -4.45 8.56 -17.77
N HIS A 332 -3.39 8.81 -17.01
CA HIS A 332 -3.30 10.04 -16.22
C HIS A 332 -2.28 11.04 -16.76
N GLY A 333 -1.53 10.65 -17.78
CA GLY A 333 -0.58 11.56 -18.43
C GLY A 333 0.63 11.90 -17.57
N ILE A 334 0.96 11.05 -16.61
CA ILE A 334 2.15 11.25 -15.80
C ILE A 334 3.36 10.58 -16.43
N LYS A 335 4.54 10.94 -15.94
CA LYS A 335 5.74 10.13 -16.16
C LYS A 335 6.22 9.65 -14.79
N VAL A 336 6.39 8.35 -14.63
CA VAL A 336 6.95 7.81 -13.38
C VAL A 336 8.26 7.07 -13.63
N GLY B 41 27.57 13.41 -6.56
CA GLY B 41 27.65 14.40 -7.63
C GLY B 41 26.66 15.55 -7.51
N THR B 42 25.38 15.22 -7.41
CA THR B 42 24.33 16.25 -7.44
C THR B 42 23.91 16.70 -6.05
N SER B 43 23.42 17.94 -5.95
CA SER B 43 22.96 18.48 -4.68
C SER B 43 21.58 17.94 -4.35
N VAL B 44 21.28 17.94 -3.06
CA VAL B 44 19.97 17.65 -2.58
C VAL B 44 19.35 19.01 -2.31
N THR B 45 18.21 19.29 -2.93
CA THR B 45 17.62 20.62 -2.84
C THR B 45 16.17 20.57 -2.35
N TRP B 46 15.73 21.67 -1.73
CA TRP B 46 14.35 21.77 -1.27
C TRP B 46 14.01 23.23 -0.97
N SER B 47 12.74 23.51 -0.73
CA SER B 47 12.31 24.85 -0.36
C SER B 47 11.48 24.84 0.91
N GLU B 48 11.52 25.95 1.66
CA GLU B 48 10.53 26.16 2.72
C GLU B 48 10.00 27.59 2.62
N THR B 49 8.82 27.81 3.17
CA THR B 49 8.22 29.15 3.17
C THR B 49 7.86 29.56 4.57
N PHE B 50 8.37 30.71 5.01
CA PHE B 50 8.07 31.23 6.33
C PHE B 50 7.62 32.68 6.22
N ASP B 51 6.38 32.96 6.63
CA ASP B 51 5.82 34.30 6.54
C ASP B 51 5.83 34.85 5.12
N GLY B 52 5.44 34.02 4.16
CA GLY B 52 5.37 34.46 2.77
C GLY B 52 6.73 34.66 2.12
N THR B 53 7.80 34.37 2.85
CA THR B 53 9.13 34.40 2.26
C THR B 53 9.59 32.98 1.95
N LYS B 54 9.70 32.68 0.66
CA LYS B 54 10.15 31.36 0.21
C LYS B 54 11.67 31.35 0.03
N THR B 55 12.33 30.35 0.60
CA THR B 55 13.79 30.23 0.51
C THR B 55 14.18 28.87 -0.07
N ASP B 56 15.14 28.89 -1.00
CA ASP B 56 15.65 27.65 -1.59
C ASP B 56 16.87 27.20 -0.80
N PHE B 57 16.95 25.91 -0.52
CA PHE B 57 18.08 25.35 0.22
C PHE B 57 18.77 24.25 -0.59
N ALA B 58 20.05 24.03 -0.32
CA ALA B 58 20.79 22.95 -0.98
C ALA B 58 21.95 22.47 -0.12
N VAL B 59 22.23 21.17 -0.14
CA VAL B 59 23.47 20.64 0.45
C VAL B 59 24.18 19.69 -0.52
N LYS B 60 25.51 19.66 -0.44
CA LYS B 60 26.32 18.77 -1.26
C LYS B 60 26.98 17.69 -0.40
N SER B 61 26.76 17.79 0.91
CA SER B 61 27.36 16.87 1.87
C SER B 61 26.53 16.93 3.14
N ALA B 62 26.59 15.89 3.95
CA ALA B 62 25.74 15.81 5.14
C ALA B 62 26.04 16.92 6.12
N PRO B 63 25.00 17.59 6.64
CA PRO B 63 25.18 18.54 7.74
C PRO B 63 25.91 17.85 8.90
N THR B 64 26.75 18.58 9.62
CA THR B 64 27.53 17.98 10.69
C THR B 64 27.15 18.51 12.06
N HIS B 65 26.38 19.59 12.07
CA HIS B 65 25.91 20.20 13.31
C HIS B 65 24.41 20.44 13.28
N ALA B 66 23.65 19.37 13.11
CA ALA B 66 22.19 19.48 12.96
C ALA B 66 21.49 19.70 14.30
N VAL B 67 20.45 20.53 14.30
CA VAL B 67 19.67 20.76 15.51
C VAL B 67 18.22 20.41 15.25
N SER B 68 17.66 19.53 16.07
CA SER B 68 16.25 19.17 15.94
C SER B 68 15.46 19.92 17.00
N MSE B 69 14.43 20.64 16.56
CA MSE B 69 13.70 21.52 17.47
C MSE B 69 12.47 20.85 18.07
O MSE B 69 11.80 21.44 18.92
CB MSE B 69 13.27 22.79 16.73
CG MSE B 69 14.45 23.63 16.25
SE MSE B 69 15.28 24.65 17.68
CE MSE B 69 13.99 26.13 17.72
N SER B 70 12.17 19.65 17.61
CA SER B 70 10.94 18.95 18.00
C SER B 70 11.23 17.47 18.25
N GLN B 71 10.44 16.82 19.09
CA GLN B 71 10.70 15.42 19.40
C GLN B 71 10.54 14.54 18.18
N ALA B 72 9.52 14.84 17.36
CA ALA B 72 9.22 14.01 16.20
C ALA B 72 10.40 13.99 15.22
N THR B 73 10.98 15.14 14.93
CA THR B 73 12.13 15.17 14.03
C THR B 73 13.36 14.61 14.71
N THR B 74 13.44 14.71 16.04
CA THR B 74 14.55 14.09 16.76
C THR B 74 14.51 12.58 16.57
N GLU B 75 13.32 12.00 16.68
CA GLU B 75 13.21 10.56 16.51
C GLU B 75 13.46 10.11 15.07
N MSE B 76 13.03 10.93 14.10
CA MSE B 76 13.29 10.64 12.70
C MSE B 76 14.79 10.63 12.44
O MSE B 76 15.32 9.74 11.78
CB MSE B 76 12.60 11.67 11.79
CG MSE B 76 11.08 11.56 11.78
SE MSE B 76 10.28 13.07 10.89
CE MSE B 76 10.93 12.68 9.12
N MSE B 77 15.50 11.61 12.98
CA MSE B 77 16.95 11.66 12.80
C MSE B 77 17.67 10.50 13.48
O MSE B 77 18.60 9.92 12.93
CB MSE B 77 17.54 13.00 13.27
CG MSE B 77 17.10 14.14 12.38
SE MSE B 77 18.17 15.75 12.65
CE MSE B 77 19.85 15.04 11.93
N LEU B 78 17.24 10.15 14.69
CA LEU B 78 17.89 9.06 15.43
C LEU B 78 17.62 7.71 14.77
N GLN B 79 16.43 7.57 14.20
CA GLN B 79 16.07 6.34 13.53
C GLN B 79 17.00 6.11 12.33
N LEU B 80 17.41 7.19 11.67
CA LEU B 80 18.35 7.10 10.53
C LEU B 80 19.84 6.99 10.97
N GLY B 81 20.07 6.88 12.26
CA GLY B 81 21.42 6.68 12.78
C GLY B 81 22.27 7.94 12.81
N LEU B 82 21.63 9.09 12.87
CA LEU B 82 22.31 10.37 12.66
C LEU B 82 22.84 11.07 13.93
N ASP B 83 22.96 10.36 15.05
CA ASP B 83 23.39 11.03 16.29
C ASP B 83 24.75 11.70 16.17
N ASP B 84 25.65 11.13 15.38
CA ASP B 84 26.98 11.74 15.20
C ASP B 84 26.92 13.08 14.45
N LYS B 85 25.82 13.33 13.73
CA LYS B 85 25.68 14.58 12.97
C LYS B 85 24.85 15.63 13.70
N MSE B 86 24.40 15.31 14.91
CA MSE B 86 23.49 16.20 15.65
C MSE B 86 24.20 16.99 16.73
O MSE B 86 24.93 16.45 17.56
CB MSE B 86 22.33 15.40 16.23
CG MSE B 86 21.59 14.69 15.12
SE MSE B 86 20.37 13.30 15.70
CE MSE B 86 19.09 14.46 16.60
N ALA B 87 23.98 18.31 16.72
CA ALA B 87 24.60 19.21 17.69
C ALA B 87 23.66 19.56 18.84
N GLY B 88 22.38 19.23 18.71
CA GLY B 88 21.45 19.51 19.79
C GLY B 88 20.02 19.13 19.48
N THR B 89 19.26 18.82 20.55
CA THR B 89 17.83 18.55 20.42
C THR B 89 17.05 19.45 21.35
N ALA B 90 15.75 19.61 21.12
CA ALA B 90 14.94 20.49 21.96
C ALA B 90 13.52 20.01 22.07
N PHE B 91 12.81 20.50 23.08
CA PHE B 91 11.38 20.27 23.25
C PHE B 91 10.93 18.80 23.27
N LYS B 92 11.58 18.00 24.11
CA LYS B 92 11.09 16.65 24.37
C LYS B 92 9.71 16.74 25.01
N GLU B 93 8.72 16.01 24.49
CA GLU B 93 7.34 16.10 24.99
C GLU B 93 6.91 14.86 25.75
N GLU B 94 7.57 13.75 25.47
CA GLU B 94 7.22 12.49 26.10
C GLU B 94 8.41 11.55 26.09
N GLU B 95 8.27 10.41 26.75
CA GLU B 95 9.32 9.39 26.76
C GLU B 95 9.82 9.11 25.34
N ILE B 96 11.13 9.06 25.17
CA ILE B 96 11.73 8.78 23.85
C ILE B 96 11.38 7.35 23.43
N TYR B 97 11.09 7.16 22.14
CA TYR B 97 10.77 5.83 21.60
C TYR B 97 11.90 4.90 22.02
N PRO B 98 11.57 3.86 22.80
CA PRO B 98 12.62 3.08 23.49
C PRO B 98 13.80 2.58 22.62
N PRO B 99 13.55 2.16 21.36
CA PRO B 99 14.73 1.72 20.60
C PRO B 99 15.72 2.86 20.29
N LEU B 100 15.29 4.11 20.50
CA LEU B 100 16.11 5.27 20.14
C LEU B 100 16.71 5.94 21.37
N GLN B 101 16.44 5.39 22.55
CA GLN B 101 16.86 6.06 23.78
C GLN B 101 18.38 6.16 23.91
N ALA B 102 19.08 5.08 23.60
CA ALA B 102 20.53 5.07 23.76
C ALA B 102 21.20 6.06 22.80
N ALA B 103 20.65 6.19 21.60
CA ALA B 103 21.17 7.17 20.64
C ALA B 103 20.84 8.60 21.09
N TYR B 104 19.61 8.81 21.56
CA TYR B 104 19.22 10.10 22.12
C TYR B 104 20.18 10.58 23.20
N ASP B 105 20.68 9.65 24.01
CA ASP B 105 21.57 9.98 25.13
C ASP B 105 22.90 10.52 24.67
N LYS B 106 23.21 10.39 23.39
CA LYS B 106 24.52 10.80 22.88
C LYS B 106 24.52 12.24 22.37
N VAL B 107 23.33 12.83 22.30
CA VAL B 107 23.15 14.13 21.68
C VAL B 107 22.82 15.16 22.73
N LYS B 108 23.47 16.32 22.66
CA LYS B 108 23.27 17.39 23.63
C LYS B 108 21.82 17.89 23.61
N VAL B 109 21.22 18.05 24.78
CA VAL B 109 19.88 18.62 24.88
C VAL B 109 19.99 20.12 25.13
N LEU B 110 19.44 20.94 24.23
CA LEU B 110 19.64 22.39 24.30
C LEU B 110 18.66 23.07 25.25
N SER B 111 17.49 22.47 25.39
CA SER B 111 16.41 23.07 26.16
C SER B 111 15.31 22.05 26.37
N ASP B 112 14.59 22.18 27.48
CA ASP B 112 13.41 21.34 27.71
C ASP B 112 12.23 21.80 26.84
N LYS B 113 12.27 23.06 26.41
CA LYS B 113 11.33 23.56 25.40
C LYS B 113 12.10 23.98 24.16
N TRP B 114 11.90 25.21 23.69
CA TRP B 114 12.73 25.74 22.61
C TRP B 114 13.87 26.60 23.16
N PRO B 115 15.09 26.43 22.62
CA PRO B 115 16.21 27.19 23.16
C PRO B 115 16.14 28.65 22.70
N SER B 116 16.85 29.53 23.38
CA SER B 116 16.94 30.90 22.90
C SER B 116 17.82 30.91 21.65
N TYR B 117 17.78 32.02 20.91
CA TYR B 117 18.66 32.20 19.75
C TYR B 117 20.13 32.00 20.15
N GLU B 118 20.53 32.60 21.28
CA GLU B 118 21.91 32.50 21.77
C GLU B 118 22.35 31.06 22.01
N VAL B 119 21.56 30.31 22.77
CA VAL B 119 21.84 28.91 23.03
C VAL B 119 21.90 28.10 21.74
N PHE B 120 20.95 28.35 20.84
CA PHE B 120 20.91 27.71 19.53
C PHE B 120 22.21 27.94 18.77
N MSE B 121 22.60 29.19 18.64
CA MSE B 121 23.82 29.53 17.93
C MSE B 121 25.09 29.00 18.61
O MSE B 121 26.09 28.79 17.95
CB MSE B 121 23.92 31.05 17.70
CG MSE B 121 22.91 31.61 16.72
SE MSE B 121 22.92 30.72 14.96
CE MSE B 121 24.80 30.92 14.51
N SER B 122 25.02 28.77 19.92
CA SER B 122 26.20 28.36 20.69
C SER B 122 26.78 27.02 20.23
N VAL B 123 25.99 26.19 19.57
CA VAL B 123 26.49 24.90 19.10
C VAL B 123 26.89 24.93 17.63
N LYS B 124 26.95 26.13 17.07
CA LYS B 124 27.32 26.35 15.65
C LYS B 124 26.53 25.49 14.67
N PRO B 125 25.19 25.63 14.66
CA PRO B 125 24.34 24.78 13.83
C PRO B 125 24.50 25.07 12.33
N ASP B 126 24.33 24.05 11.50
CA ASP B 126 24.34 24.27 10.05
C ASP B 126 23.03 23.81 9.42
N PHE B 127 22.20 23.16 10.24
CA PHE B 127 20.93 22.58 9.75
C PHE B 127 19.97 22.53 10.92
N ALA B 128 18.69 22.79 10.66
CA ALA B 128 17.70 22.72 11.74
C ALA B 128 16.42 22.17 11.19
N THR B 129 15.71 21.38 12.00
N THR B 129 15.72 21.38 12.01
CA THR B 129 14.43 20.84 11.61
CA THR B 129 14.41 20.85 11.65
C THR B 129 13.47 20.81 12.80
C THR B 129 13.45 20.91 12.83
N GLY B 130 12.17 20.75 12.53
CA GLY B 130 11.16 20.68 13.59
C GLY B 130 9.80 20.98 13.01
N TRP B 131 8.77 21.00 13.85
CA TRP B 131 7.46 21.50 13.44
C TRP B 131 7.61 22.97 13.07
N PRO B 132 6.79 23.47 12.14
CA PRO B 132 6.86 24.85 11.64
C PRO B 132 6.86 25.90 12.75
N ASP B 133 6.12 25.68 13.84
CA ASP B 133 6.08 26.64 14.94
C ASP B 133 7.43 26.85 15.64
N SER B 134 8.37 25.91 15.46
CA SER B 134 9.73 26.06 15.97
C SER B 134 10.43 27.23 15.30
N PHE B 135 9.92 27.63 14.14
CA PHE B 135 10.58 28.65 13.34
C PHE B 135 9.77 29.92 13.26
N SER B 136 8.85 30.08 14.21
CA SER B 136 8.01 31.27 14.30
C SER B 136 8.53 32.22 15.37
N LYS B 137 7.82 33.31 15.59
CA LYS B 137 8.24 34.30 16.57
C LYS B 137 8.06 33.81 18.01
N ARG B 138 7.41 32.66 18.16
CA ARG B 138 7.23 32.05 19.47
C ARG B 138 8.49 31.30 19.89
N ALA B 139 9.40 31.11 18.94
CA ALA B 139 10.66 30.40 19.20
C ALA B 139 11.84 31.15 18.59
N ILE B 140 12.39 30.63 17.49
CA ILE B 140 13.45 31.34 16.76
C ILE B 140 13.04 31.49 15.29
N PRO B 141 12.72 32.73 14.88
CA PRO B 141 12.18 32.97 13.54
C PRO B 141 13.16 32.52 12.45
N ALA B 142 12.61 31.90 11.41
CA ALA B 142 13.40 31.34 10.32
C ALA B 142 14.37 32.35 9.72
N ASP B 143 13.92 33.59 9.55
CA ASP B 143 14.76 34.62 8.94
C ASP B 143 16.08 34.81 9.71
N LYS B 144 16.03 34.67 11.02
CA LYS B 144 17.23 34.83 11.85
C LYS B 144 18.22 33.71 11.61
N MSE B 145 17.72 32.48 11.54
CA MSE B 145 18.57 31.32 11.27
C MSE B 145 19.17 31.46 9.88
O MSE B 145 20.37 31.33 9.67
CB MSE B 145 17.77 30.04 11.36
CG MSE B 145 17.34 29.65 12.75
SE MSE B 145 16.54 27.90 12.63
CE MSE B 145 15.97 27.71 14.50
N ILE B 146 18.29 31.72 8.91
CA ILE B 146 18.69 31.88 7.52
C ILE B 146 19.80 32.93 7.35
N SER B 147 19.73 34.01 8.12
CA SER B 147 20.81 35.01 8.10
C SER B 147 22.14 34.42 8.53
N GLN B 148 22.09 33.41 9.40
CA GLN B 148 23.31 32.76 9.89
C GLN B 148 23.70 31.56 9.04
N LYS B 149 23.10 31.46 7.85
CA LYS B 149 23.40 30.41 6.89
C LYS B 149 23.00 28.99 7.34
N VAL B 150 22.03 28.90 8.26
CA VAL B 150 21.49 27.61 8.66
C VAL B 150 20.48 27.14 7.60
N ASN B 151 20.57 25.88 7.20
CA ASN B 151 19.57 25.30 6.32
C ASN B 151 18.41 24.78 7.14
N ILE B 152 17.18 25.14 6.77
CA ILE B 152 16.01 24.67 7.50
C ILE B 152 15.21 23.68 6.65
N TRP B 153 14.86 22.55 7.24
CA TRP B 153 14.05 21.55 6.54
C TRP B 153 12.89 21.13 7.41
N ILE B 154 11.69 21.06 6.86
CA ILE B 154 10.52 20.63 7.61
C ILE B 154 9.84 19.48 6.87
N PRO B 155 9.57 18.35 7.57
CA PRO B 155 8.82 17.26 6.94
C PRO B 155 7.51 17.75 6.31
N GLU B 156 7.29 17.39 5.04
N GLU B 156 7.30 17.39 5.04
CA GLU B 156 6.06 17.78 4.37
CA GLU B 156 6.06 17.75 4.36
C GLU B 156 4.84 17.24 5.12
C GLU B 156 4.85 17.23 5.11
N SER B 157 5.02 16.14 5.85
CA SER B 157 3.92 15.56 6.61
C SER B 157 3.45 16.44 7.75
N MSE B 158 4.25 17.46 8.09
CA MSE B 158 3.88 18.39 9.14
C MSE B 158 3.40 19.73 8.58
O MSE B 158 3.17 20.67 9.33
CB MSE B 158 5.10 18.65 10.04
CG MSE B 158 5.63 17.41 10.73
SE MSE B 158 7.29 17.78 11.67
CE MSE B 158 7.57 15.97 12.25
N LEU B 159 3.23 19.80 7.26
CA LEU B 159 2.94 21.09 6.61
C LEU B 159 1.50 21.30 6.16
N SER B 160 0.71 20.24 6.07
CA SER B 160 -0.66 20.40 5.58
C SER B 160 -1.57 19.24 5.91
N THR B 161 -2.87 19.46 5.70
CA THR B 161 -3.88 18.43 5.89
C THR B 161 -3.90 17.38 4.78
N LYS B 162 -3.02 17.52 3.78
CA LYS B 162 -2.92 16.51 2.74
C LYS B 162 -2.07 15.32 3.21
N ALA B 163 -1.31 15.52 4.29
CA ALA B 163 -0.33 14.53 4.74
C ALA B 163 -0.93 13.17 5.05
N ASP B 164 -0.23 12.13 4.64
CA ASP B 164 -0.62 10.78 5.05
C ASP B 164 0.63 9.95 5.32
N LEU B 165 0.48 8.63 5.45
CA LEU B 165 1.65 7.81 5.78
C LEU B 165 2.71 7.87 4.66
N GLU B 166 2.26 7.90 3.42
CA GLU B 166 3.22 7.99 2.30
C GLU B 166 4.03 9.28 2.35
N THR B 167 3.42 10.38 2.80
CA THR B 167 4.17 11.64 2.99
C THR B 167 5.29 11.48 4.02
N ASN B 168 4.98 10.78 5.11
CA ASN B 168 5.96 10.51 6.17
C ASN B 168 7.12 9.67 5.63
N PHE B 169 6.79 8.67 4.80
CA PHE B 169 7.81 7.83 4.17
C PHE B 169 8.72 8.64 3.26
N SER B 170 8.12 9.49 2.44
N SER B 170 8.15 9.50 2.42
CA SER B 170 8.89 10.34 1.52
CA SER B 170 8.98 10.29 1.51
C SER B 170 9.77 11.32 2.28
C SER B 170 9.77 11.37 2.27
N ASP B 171 9.27 11.80 3.43
CA ASP B 171 10.04 12.69 4.30
C ASP B 171 11.27 11.97 4.85
N MSE B 172 11.09 10.73 5.27
CA MSE B 172 12.21 9.95 5.78
C MSE B 172 13.25 9.75 4.70
O MSE B 172 14.45 9.87 4.95
CB MSE B 172 11.73 8.61 6.34
CG MSE B 172 11.11 8.73 7.73
SE MSE B 172 12.44 9.19 9.12
CE MSE B 172 13.05 7.38 9.44
N ILE B 173 12.80 9.47 3.48
N ILE B 173 12.79 9.46 3.49
CA ILE B 173 13.75 9.30 2.39
CA ILE B 173 13.71 9.31 2.36
C ILE B 173 14.49 10.61 2.07
C ILE B 173 14.48 10.60 2.11
N LYS B 174 13.76 11.72 2.08
CA LYS B 174 14.38 13.03 1.85
C LYS B 174 15.43 13.39 2.91
N LEU B 175 15.09 13.14 4.16
CA LEU B 175 16.01 13.39 5.28
C LEU B 175 17.26 12.55 5.08
N GLY B 176 17.03 11.30 4.70
CA GLY B 176 18.12 10.37 4.44
C GLY B 176 19.00 10.85 3.30
N GLU B 177 18.39 11.41 2.26
CA GLU B 177 19.19 11.97 1.16
C GLU B 177 20.02 13.15 1.63
N ILE B 178 19.42 14.04 2.42
CA ILE B 178 20.14 15.21 2.94
C ILE B 178 21.39 14.80 3.71
N PHE B 179 21.28 13.71 4.46
CA PHE B 179 22.38 13.25 5.32
C PHE B 179 23.24 12.14 4.73
N GLY B 180 23.08 11.87 3.43
CA GLY B 180 23.90 10.90 2.75
C GLY B 180 23.68 9.47 3.21
N VAL B 181 22.49 9.18 3.74
CA VAL B 181 22.15 7.83 4.15
C VAL B 181 20.82 7.38 3.54
N LYS B 182 20.63 7.70 2.27
CA LYS B 182 19.41 7.26 1.58
C LYS B 182 19.10 5.75 1.72
N PRO B 183 20.12 4.87 1.58
CA PRO B 183 19.80 3.44 1.74
C PRO B 183 19.23 3.06 3.10
N LYS B 184 19.75 3.67 4.17
CA LYS B 184 19.22 3.45 5.52
C LYS B 184 17.74 3.83 5.59
N ALA B 185 17.37 4.95 4.97
CA ALA B 185 15.99 5.40 4.96
C ALA B 185 15.11 4.45 4.16
N GLU B 186 15.63 3.99 3.02
CA GLU B 186 14.86 3.08 2.17
C GLU B 186 14.64 1.74 2.88
N GLU B 187 15.65 1.33 3.65
CA GLU B 187 15.54 0.12 4.44
C GLU B 187 14.43 0.25 5.46
N TRP B 188 14.35 1.39 6.13
CA TRP B 188 13.32 1.63 7.13
C TRP B 188 11.93 1.66 6.48
N VAL B 189 11.79 2.40 5.39
CA VAL B 189 10.51 2.44 4.69
C VAL B 189 10.08 1.06 4.23
N ALA B 190 11.01 0.31 3.66
CA ALA B 190 10.70 -1.04 3.20
C ALA B 190 10.16 -1.89 4.36
N ASP B 191 10.81 -1.83 5.52
CA ASP B 191 10.34 -2.59 6.66
C ASP B 191 8.94 -2.12 7.11
N GLN B 192 8.70 -0.82 7.08
CA GLN B 192 7.39 -0.31 7.47
C GLN B 192 6.31 -0.81 6.52
N ARG B 193 6.60 -0.87 5.22
CA ARG B 193 5.62 -1.34 4.25
C ARG B 193 5.31 -2.80 4.46
N LYS B 194 6.35 -3.57 4.79
CA LYS B 194 6.19 -5.00 5.02
C LYS B 194 5.28 -5.24 6.21
N THR B 195 5.50 -4.51 7.29
CA THR B 195 4.67 -4.67 8.47
C THR B 195 3.23 -4.18 8.23
N LEU B 196 3.09 -3.06 7.53
CA LEU B 196 1.76 -2.54 7.22
C LEU B 196 0.96 -3.55 6.42
N ALA B 197 1.61 -4.19 5.44
CA ALA B 197 0.90 -5.18 4.62
C ALA B 197 0.42 -6.35 5.48
N ALA B 198 1.22 -6.76 6.46
CA ALA B 198 0.84 -7.86 7.35
C ALA B 198 -0.40 -7.47 8.15
N ILE B 199 -0.42 -6.24 8.68
CA ILE B 199 -1.60 -5.77 9.40
C ILE B 199 -2.83 -5.75 8.50
N GLN B 200 -2.70 -5.14 7.33
CA GLN B 200 -3.85 -5.05 6.44
C GLN B 200 -4.33 -6.39 5.91
N ASN B 201 -3.42 -7.34 5.71
CA ASN B 201 -3.84 -8.69 5.35
C ASN B 201 -4.78 -9.31 6.38
N LYS B 202 -4.50 -9.08 7.65
CA LYS B 202 -5.35 -9.59 8.73
C LYS B 202 -6.69 -8.87 8.81
N LEU B 203 -6.75 -7.65 8.28
CA LEU B 203 -7.98 -6.85 8.39
C LEU B 203 -8.89 -7.02 7.18
N LYS B 204 -8.42 -7.78 6.21
CA LYS B 204 -9.01 -7.88 4.86
C LYS B 204 -10.54 -7.80 4.83
N ASP B 205 -11.22 -8.81 5.37
CA ASP B 205 -12.67 -8.83 5.27
C ASP B 205 -13.43 -8.44 6.55
N LEU B 206 -12.78 -7.66 7.41
CA LEU B 206 -13.39 -7.24 8.67
C LEU B 206 -14.07 -5.87 8.52
N PRO B 207 -15.19 -5.67 9.22
CA PRO B 207 -15.93 -4.40 9.12
C PRO B 207 -15.14 -3.20 9.60
N ARG B 208 -15.34 -2.04 8.97
CA ARG B 208 -14.66 -0.82 9.39
C ARG B 208 -15.33 -0.27 10.65
N LYS B 209 -14.59 0.46 11.48
CA LYS B 209 -15.15 1.02 12.70
C LYS B 209 -15.04 2.52 12.69
N ARG B 210 -16.00 3.19 13.33
CA ARG B 210 -15.94 4.63 13.43
C ARG B 210 -15.30 5.02 14.74
N VAL B 211 -14.36 5.96 14.67
CA VAL B 211 -13.59 6.31 15.87
C VAL B 211 -13.60 7.82 16.12
N PHE B 212 -13.41 8.20 17.36
CA PHE B 212 -13.33 9.60 17.76
C PHE B 212 -12.05 9.78 18.53
N ILE B 213 -11.26 10.80 18.17
CA ILE B 213 -10.02 11.06 18.88
C ILE B 213 -10.21 12.16 19.92
N TYR B 214 -9.97 11.82 21.18
CA TYR B 214 -10.15 12.74 22.31
C TYR B 214 -8.78 13.15 22.81
N ASP B 215 -8.38 14.37 22.49
CA ASP B 215 -7.11 14.88 22.99
C ASP B 215 -7.26 15.36 24.42
N SER B 216 -8.32 16.12 24.65
CA SER B 216 -8.57 16.78 25.91
C SER B 216 -9.90 17.53 25.77
N GLU B 217 -10.36 18.18 26.84
CA GLU B 217 -11.57 18.98 26.71
C GLU B 217 -11.50 20.23 27.57
N ASP B 218 -12.28 21.23 27.19
CA ASP B 218 -12.46 22.45 27.97
C ASP B 218 -13.91 22.90 27.81
N GLY B 219 -14.83 22.10 28.35
CA GLY B 219 -16.24 22.24 28.03
C GLY B 219 -16.50 21.47 26.74
N GLN B 220 -15.80 21.84 25.68
N GLN B 220 -15.77 21.86 25.70
CA GLN B 220 -15.95 21.11 24.43
CA GLN B 220 -15.80 21.23 24.38
C GLN B 220 -14.66 20.35 24.12
C GLN B 220 -14.60 20.29 24.22
N PRO B 221 -14.78 19.20 23.46
CA PRO B 221 -13.63 18.33 23.21
C PRO B 221 -12.70 18.93 22.15
N PHE B 222 -11.40 18.76 22.32
CA PHE B 222 -10.42 19.10 21.29
C PHE B 222 -10.10 17.82 20.54
N THR B 223 -10.16 17.84 19.21
CA THR B 223 -10.11 16.57 18.47
C THR B 223 -9.42 16.73 17.11
N ALA B 224 -9.20 15.62 16.42
CA ALA B 224 -8.58 15.63 15.11
C ALA B 224 -9.65 15.66 14.02
N PHE B 225 -9.45 16.47 12.99
CA PHE B 225 -10.42 16.52 11.88
C PHE B 225 -9.86 15.92 10.59
N GLU B 226 -8.96 16.64 9.93
CA GLU B 226 -8.40 16.15 8.66
C GLU B 226 -6.89 16.02 8.74
N GLY B 227 -6.30 15.32 7.76
CA GLY B 227 -4.85 15.25 7.70
C GLY B 227 -4.29 13.95 8.27
N TYR B 228 -3.06 14.02 8.78
CA TYR B 228 -2.29 12.82 9.06
C TYR B 228 -2.99 11.80 9.93
N THR B 229 -3.52 12.24 11.07
CA THR B 229 -4.12 11.32 12.03
C THR B 229 -5.31 10.59 11.40
N THR B 230 -6.13 11.34 10.68
CA THR B 230 -7.29 10.75 9.99
C THR B 230 -6.81 9.76 8.94
N ASN B 231 -5.81 10.18 8.16
CA ASN B 231 -5.36 9.36 7.04
C ASN B 231 -4.68 8.06 7.43
N ILE B 232 -3.93 8.06 8.53
CA ILE B 232 -3.23 6.84 8.94
C ILE B 232 -4.21 5.85 9.58
N LEU B 233 -5.20 6.38 10.30
CA LEU B 233 -6.22 5.52 10.92
C LEU B 233 -7.07 4.80 9.87
N LYS B 234 -7.29 5.44 8.72
N LYS B 234 -7.29 5.45 8.72
CA LYS B 234 -8.04 4.80 7.64
CA LYS B 234 -8.05 4.80 7.65
C LYS B 234 -7.34 3.54 7.14
C LYS B 234 -7.33 3.55 7.12
N LEU B 235 -6.03 3.48 7.31
CA LEU B 235 -5.25 2.32 6.84
C LEU B 235 -5.61 1.04 7.59
N ILE B 236 -6.17 1.19 8.80
CA ILE B 236 -6.57 0.03 9.59
C ILE B 236 -8.08 -0.04 9.80
N GLY B 237 -8.84 0.58 8.90
CA GLY B 237 -10.27 0.47 8.95
C GLY B 237 -10.88 1.22 10.12
N ALA B 238 -10.20 2.27 10.59
CA ALA B 238 -10.74 3.10 11.66
C ALA B 238 -11.05 4.48 11.08
N ASP B 239 -12.33 4.79 10.93
CA ASP B 239 -12.72 6.05 10.30
C ASP B 239 -13.06 7.16 11.29
N ASN B 240 -12.29 8.23 11.24
CA ASN B 240 -12.45 9.36 12.12
C ASN B 240 -13.80 10.04 11.87
N VAL B 241 -14.66 10.06 12.89
CA VAL B 241 -16.01 10.60 12.69
C VAL B 241 -16.04 12.12 12.54
N MSE B 242 -14.93 12.78 12.83
CA MSE B 242 -14.86 14.24 12.68
C MSE B 242 -14.32 14.63 11.30
O MSE B 242 -14.28 15.81 10.95
CB MSE B 242 -14.02 14.90 13.78
CG MSE B 242 -14.53 14.64 15.20
SE MSE B 242 -16.44 15.04 15.42
CE MSE B 242 -16.26 16.94 15.73
N SER B 243 -13.89 13.63 10.52
N SER B 243 -13.89 13.64 10.52
CA SER B 243 -13.45 13.87 9.15
CA SER B 243 -13.43 13.92 9.16
C SER B 243 -14.65 13.91 8.20
C SER B 243 -14.64 13.92 8.21
N GLY B 244 -14.52 14.60 7.08
CA GLY B 244 -15.61 14.70 6.12
C GLY B 244 -16.69 15.71 6.51
N LEU B 245 -16.40 16.55 7.50
CA LEU B 245 -17.38 17.54 7.99
C LEU B 245 -17.06 18.95 7.48
N GLY B 246 -16.09 19.06 6.58
CA GLY B 246 -15.73 20.35 6.03
C GLY B 246 -14.82 21.20 6.90
N VAL B 247 -14.21 20.61 7.93
CA VAL B 247 -13.28 21.35 8.77
C VAL B 247 -11.86 21.04 8.31
N ASP B 248 -11.25 21.97 7.58
CA ASP B 248 -9.93 21.70 6.99
C ASP B 248 -8.82 22.04 7.99
N LYS B 249 -8.75 21.29 9.09
CA LYS B 249 -7.79 21.55 10.16
C LYS B 249 -7.30 20.23 10.73
N THR B 250 -6.03 20.16 11.14
CA THR B 250 -5.55 18.93 11.76
C THR B 250 -6.25 18.73 13.11
N TRP B 251 -6.33 19.80 13.90
CA TRP B 251 -6.90 19.72 15.25
C TRP B 251 -7.70 20.99 15.56
N ALA B 252 -8.83 20.84 16.24
CA ALA B 252 -9.63 22.01 16.61
C ALA B 252 -10.64 21.59 17.65
N LYS B 253 -11.29 22.59 18.24
CA LYS B 253 -12.41 22.30 19.13
C LYS B 253 -13.57 21.74 18.33
N GLY B 254 -14.21 20.71 18.85
CA GLY B 254 -15.41 20.16 18.26
C GLY B 254 -16.58 20.37 19.22
N SER B 255 -17.77 19.92 18.83
CA SER B 255 -18.93 19.97 19.71
C SER B 255 -19.34 18.55 20.11
N TRP B 256 -19.69 18.35 21.38
CA TRP B 256 -20.18 17.04 21.81
C TRP B 256 -21.42 16.60 21.02
N GLU B 257 -22.27 17.56 20.64
CA GLU B 257 -23.46 17.24 19.82
C GLU B 257 -23.07 16.48 18.55
N THR B 258 -21.96 16.89 17.94
CA THR B 258 -21.49 16.25 16.72
C THR B 258 -20.99 14.82 16.99
N VAL B 259 -20.27 14.65 18.08
CA VAL B 259 -19.78 13.33 18.47
C VAL B 259 -20.96 12.41 18.75
N ILE B 260 -21.94 12.94 19.49
CA ILE B 260 -23.12 12.13 19.80
C ILE B 260 -23.85 11.71 18.51
N ALA B 261 -24.03 12.64 17.59
CA ALA B 261 -24.70 12.35 16.31
C ALA B 261 -23.94 11.25 15.54
N GLN B 262 -22.62 11.34 15.54
CA GLN B 262 -21.78 10.39 14.79
C GLN B 262 -21.67 9.02 15.46
N ASN B 263 -21.84 8.98 16.78
CA ASN B 263 -21.89 7.74 17.54
C ASN B 263 -20.72 6.79 17.27
N PRO B 264 -19.51 7.20 17.66
CA PRO B 264 -18.34 6.37 17.36
C PRO B 264 -18.36 5.03 18.10
N ASP B 265 -17.77 4.02 17.46
CA ASP B 265 -17.55 2.70 18.05
C ASP B 265 -16.43 2.71 19.10
N TYR B 266 -15.40 3.52 18.87
CA TYR B 266 -14.23 3.56 19.77
C TYR B 266 -13.85 5.01 20.03
N ILE B 267 -13.37 5.29 21.23
CA ILE B 267 -12.81 6.60 21.54
C ILE B 267 -11.33 6.41 21.83
N ILE B 268 -10.50 7.05 21.02
CA ILE B 268 -9.05 6.99 21.18
C ILE B 268 -8.60 8.21 21.96
N ILE B 269 -7.90 7.98 23.07
CA ILE B 269 -7.61 9.02 24.03
C ILE B 269 -6.11 9.25 24.11
N ALA B 270 -5.68 10.50 23.91
CA ALA B 270 -4.27 10.84 24.04
C ALA B 270 -3.89 10.90 25.52
N ASP B 271 -2.86 10.15 25.89
CA ASP B 271 -2.35 10.14 27.27
C ASP B 271 -1.14 11.07 27.38
N TYR B 272 -1.25 12.10 28.22
CA TYR B 272 -0.18 13.08 28.38
C TYR B 272 0.69 12.92 29.62
N GLY B 273 0.71 11.71 30.20
CA GLY B 273 1.51 11.48 31.40
C GLY B 273 2.99 11.24 31.13
N ASN B 274 3.78 11.23 32.20
CA ASN B 274 5.24 11.09 32.12
C ASN B 274 5.76 9.73 31.66
N SER B 275 5.32 8.68 32.35
N SER B 275 5.34 8.69 32.36
CA SER B 275 5.80 7.33 32.07
CA SER B 275 5.79 7.33 32.08
C SER B 275 4.72 6.45 31.44
C SER B 275 4.71 6.50 31.38
N ILE B 276 5.12 5.60 30.49
CA ILE B 276 4.17 4.70 29.82
C ILE B 276 3.67 3.65 30.82
N ARG B 277 4.45 3.46 31.88
CA ARG B 277 4.07 2.59 32.99
C ARG B 277 2.96 3.24 33.82
N ASN B 278 2.60 4.47 33.46
CA ASN B 278 1.54 5.20 34.14
C ASN B 278 0.45 5.62 33.16
N ASP B 279 -0.77 5.18 33.40
CA ASP B 279 -1.88 5.58 32.54
C ASP B 279 -2.88 6.43 33.30
N ASP B 280 -2.43 7.14 34.33
CA ASP B 280 -3.32 7.99 35.11
C ASP B 280 -4.10 8.97 34.25
N ASP B 281 -3.42 9.63 33.31
CA ASP B 281 -4.09 10.62 32.45
C ASP B 281 -5.18 9.95 31.61
N PHE B 282 -4.85 8.80 31.06
CA PHE B 282 -5.80 8.01 30.30
C PHE B 282 -7.02 7.69 31.15
N GLN B 283 -6.79 7.18 32.35
CA GLN B 283 -7.89 6.77 33.21
C GLN B 283 -8.76 7.94 33.65
N GLN B 284 -8.14 9.09 33.95
CA GLN B 284 -8.89 10.27 34.36
C GLN B 284 -9.78 10.80 33.26
N LYS B 285 -9.30 10.72 32.02
CA LYS B 285 -10.09 11.15 30.86
C LYS B 285 -11.25 10.19 30.62
N ILE B 286 -11.01 8.89 30.78
CA ILE B 286 -12.10 7.92 30.74
C ILE B 286 -13.19 8.24 31.77
N GLU B 287 -12.79 8.51 33.00
CA GLU B 287 -13.77 8.79 34.05
C GLU B 287 -14.53 10.09 33.77
N LYS B 288 -13.84 11.05 33.14
CA LYS B 288 -14.46 12.32 32.78
C LYS B 288 -15.54 12.15 31.70
N ILE B 289 -15.30 11.23 30.77
CA ILE B 289 -16.26 10.94 29.70
C ILE B 289 -17.43 10.17 30.31
N LYS B 290 -17.12 9.19 31.15
CA LYS B 290 -18.15 8.37 31.80
C LYS B 290 -19.06 9.17 32.71
N ALA B 291 -18.53 10.26 33.29
CA ALA B 291 -19.32 11.05 34.22
C ALA B 291 -20.19 12.09 33.52
N ASN B 292 -20.05 12.19 32.21
CA ASN B 292 -20.79 13.17 31.42
C ASN B 292 -22.10 12.57 30.93
N PRO B 293 -23.22 13.01 31.51
CA PRO B 293 -24.54 12.43 31.22
C PRO B 293 -24.91 12.55 29.75
N GLN B 294 -24.41 13.59 29.08
CA GLN B 294 -24.78 13.79 27.67
C GLN B 294 -24.24 12.68 26.76
N LEU B 295 -23.24 11.94 27.25
CA LEU B 295 -22.46 11.06 26.39
C LEU B 295 -22.80 9.59 26.60
N GLN B 296 -23.74 9.32 27.50
N GLN B 296 -23.73 9.32 27.51
CA GLN B 296 -23.93 7.96 28.00
CA GLN B 296 -23.94 7.96 27.99
C GLN B 296 -24.53 6.96 27.01
C GLN B 296 -24.53 6.97 27.00
N ASP B 297 -25.13 7.45 25.92
CA ASP B 297 -25.69 6.55 24.92
C ASP B 297 -24.79 6.31 23.71
N ILE B 298 -23.62 6.94 23.70
CA ILE B 298 -22.67 6.71 22.62
C ILE B 298 -22.18 5.26 22.69
N THR B 299 -22.11 4.59 21.54
CA THR B 299 -21.71 3.18 21.51
C THR B 299 -20.38 2.93 22.24
N ALA B 300 -19.35 3.70 21.91
CA ALA B 300 -18.06 3.55 22.57
C ALA B 300 -18.17 3.63 24.10
N VAL B 301 -18.98 4.57 24.58
CA VAL B 301 -19.15 4.74 26.02
C VAL B 301 -19.88 3.56 26.65
N LYS B 302 -21.01 3.17 26.08
CA LYS B 302 -21.78 2.04 26.59
C LYS B 302 -20.97 0.75 26.58
N GLU B 303 -20.10 0.58 25.59
CA GLU B 303 -19.33 -0.66 25.46
C GLU B 303 -17.94 -0.60 26.09
N GLY B 304 -17.57 0.56 26.62
CA GLY B 304 -16.27 0.73 27.25
C GLY B 304 -15.13 0.61 26.26
N HIS B 305 -15.34 1.13 25.06
CA HIS B 305 -14.33 1.06 24.01
C HIS B 305 -13.39 2.26 24.01
N PHE B 306 -12.52 2.30 25.01
CA PHE B 306 -11.55 3.38 25.18
C PHE B 306 -10.16 2.86 24.88
N ILE B 307 -9.45 3.56 24.01
CA ILE B 307 -8.16 3.10 23.53
C ILE B 307 -7.09 4.16 23.79
N ARG B 308 -5.98 3.72 24.37
N ARG B 308 -5.98 3.73 24.38
CA ARG B 308 -4.91 4.64 24.76
CA ARG B 308 -4.91 4.63 24.78
C ARG B 308 -3.86 4.84 23.67
C ARG B 308 -3.86 4.83 23.68
N VAL B 309 -3.53 6.09 23.37
CA VAL B 309 -2.38 6.38 22.49
C VAL B 309 -1.52 7.49 23.08
N LYS B 310 -0.28 7.59 22.60
CA LYS B 310 0.52 8.78 22.80
C LYS B 310 0.41 9.61 21.54
N LEU B 311 0.40 10.93 21.68
CA LEU B 311 0.29 11.81 20.50
C LEU B 311 1.40 11.54 19.47
N SER B 312 2.57 11.12 19.94
N SER B 312 2.58 11.13 19.94
CA SER B 312 3.70 10.80 19.08
CA SER B 312 3.70 10.80 19.05
C SER B 312 3.41 9.64 18.13
C SER B 312 3.37 9.66 18.10
N GLU B 313 2.42 8.82 18.49
CA GLU B 313 2.07 7.63 17.73
C GLU B 313 1.11 7.88 16.58
N ILE B 314 0.35 8.96 16.66
CA ILE B 314 -0.67 9.28 15.65
C ILE B 314 -0.38 10.58 14.91
N THR B 315 0.83 11.09 15.10
CA THR B 315 1.31 12.24 14.34
C THR B 315 2.62 11.82 13.66
N PRO B 316 3.13 12.65 12.72
CA PRO B 316 4.27 12.14 11.93
C PRO B 316 5.51 11.84 12.79
N GLY B 317 6.33 10.89 12.36
CA GLY B 317 7.46 10.47 13.16
C GLY B 317 7.90 9.09 12.69
N VAL B 318 8.30 8.23 13.63
CA VAL B 318 8.80 6.91 13.25
C VAL B 318 7.98 5.81 13.90
N ARG B 319 6.91 6.20 14.59
CA ARG B 319 6.15 5.24 15.40
C ARG B 319 4.86 4.77 14.76
N THR B 320 4.49 5.33 13.63
CA THR B 320 3.12 5.13 13.15
C THR B 320 2.73 3.67 12.88
N VAL B 321 3.53 2.96 12.09
CA VAL B 321 3.14 1.60 11.75
C VAL B 321 3.14 0.70 12.98
N ASP B 322 4.12 0.87 13.85
N ASP B 322 4.13 0.89 13.85
CA ASP B 322 4.16 0.11 15.10
CA ASP B 322 4.18 0.16 15.11
C ASP B 322 2.90 0.37 15.94
C ASP B 322 2.92 0.37 15.94
N ALA B 323 2.47 1.63 16.00
CA ALA B 323 1.25 1.96 16.74
C ALA B 323 0.00 1.43 16.03
N LEU B 324 -0.02 1.49 14.70
CA LEU B 324 -1.15 0.97 13.94
C LEU B 324 -1.34 -0.54 14.15
N LYS B 325 -0.24 -1.25 14.35
CA LYS B 325 -0.32 -2.69 14.65
C LYS B 325 -1.10 -2.92 15.94
N ARG B 326 -0.76 -2.18 16.99
CA ARG B 326 -1.43 -2.33 18.28
C ARG B 326 -2.90 -1.90 18.18
N LEU B 327 -3.13 -0.79 17.49
CA LEU B 327 -4.48 -0.22 17.39
C LEU B 327 -5.36 -1.18 16.61
N ALA B 328 -4.80 -1.78 15.56
CA ALA B 328 -5.54 -2.75 14.75
C ALA B 328 -5.99 -3.93 15.59
N GLU B 329 -5.12 -4.36 16.50
CA GLU B 329 -5.42 -5.50 17.35
C GLU B 329 -6.49 -5.11 18.36
N GLU B 330 -6.40 -3.91 18.91
CA GLU B 330 -7.37 -3.49 19.91
C GLU B 330 -8.76 -3.18 19.33
N ILE B 331 -8.79 -2.61 18.12
CA ILE B 331 -10.07 -2.22 17.50
C ILE B 331 -10.78 -3.38 16.83
N HIS B 332 -10.01 -4.25 16.18
CA HIS B 332 -10.57 -5.35 15.39
C HIS B 332 -10.42 -6.72 16.04
N GLY B 333 -9.70 -6.81 17.15
CA GLY B 333 -9.55 -8.09 17.84
C GLY B 333 -8.74 -9.15 17.09
N ILE B 334 -7.82 -8.71 16.24
CA ILE B 334 -6.92 -9.63 15.54
C ILE B 334 -5.61 -9.82 16.31
N LYS B 335 -4.82 -10.79 15.86
CA LYS B 335 -3.42 -10.90 16.28
C LYS B 335 -2.54 -10.76 15.03
N VAL B 336 -1.56 -9.86 15.06
CA VAL B 336 -0.59 -9.78 13.97
C VAL B 336 0.74 -10.40 14.41
NA NA C . -10.11 -14.83 -19.28
NA NA D . -3.85 -26.53 5.19
C1 GOL E . -6.69 -22.04 -19.29
O1 GOL E . -6.28 -20.87 -18.62
C2 GOL E . -7.04 -21.72 -20.74
O2 GOL E . -6.64 -20.40 -21.05
C3 GOL E . -8.55 -21.86 -20.91
O3 GOL E . -8.85 -23.00 -21.69
C1 GOL F . -14.18 -16.52 -24.26
O1 GOL F . -13.35 -15.42 -23.95
C2 GOL F . -15.27 -16.12 -25.26
O2 GOL F . -15.06 -14.82 -25.74
C3 GOL F . -16.65 -16.21 -24.60
O3 GOL F . -17.63 -15.70 -25.48
C1 GOL G . 8.75 -6.44 -13.52
O1 GOL G . 9.87 -7.23 -13.90
C2 GOL G . 9.01 -5.80 -12.17
O2 GOL G . 8.84 -6.78 -11.16
C3 GOL G . 8.01 -4.67 -11.93
O3 GOL G . 8.32 -3.57 -12.77
C FMT H . -19.61 1.65 -10.53
O1 FMT H . -20.62 1.12 -11.00
O2 FMT H . -18.49 1.51 -11.00
C1 GOL I . -19.53 -1.69 14.43
O1 GOL I . -20.28 -0.85 15.28
C2 GOL I . -19.85 -1.36 12.97
O2 GOL I . -19.75 0.03 12.73
C3 GOL I . -18.84 -2.07 12.08
O3 GOL I . -18.49 -3.31 12.64
C1 GOL J . -2.62 18.53 19.89
O1 GOL J . -3.24 17.27 19.80
C2 GOL J . -1.75 18.75 18.66
O2 GOL J . -0.41 18.99 19.06
C3 GOL J . -2.25 19.95 17.86
O3 GOL J . -2.28 21.12 18.65
C1 GOL K . -16.12 8.58 8.49
O1 GOL K . -15.87 7.74 7.38
C2 GOL K . -16.49 9.98 8.02
O2 GOL K . -17.13 9.92 6.74
C3 GOL K . -17.44 10.62 9.03
O3 GOL K . -18.07 11.75 8.46
#